data_9EHY
#
_entry.id   9EHY
#
_cell.length_a   43.127
_cell.length_b   84.055
_cell.length_c   205.597
_cell.angle_alpha   90.00
_cell.angle_beta   90.00
_cell.angle_gamma   90.00
#
_symmetry.space_group_name_H-M   'P 21 21 21'
#
loop_
_entity.id
_entity.type
_entity.pdbx_description
1 polymer Beta-lactamase
2 non-polymer '(2R)-2-[(R)-{[(2Z)-2-(2-amino-1,3-thiazol-4-yl)-2-{[(2-carboxypropan-2-yl)oxy]imino}acetyl]amino}(carboxy)methyl]-5-methylidene-5,6-dihydro-2H-1,3-thiazine-4-carboxylic acid'
3 non-polymer 'ACYLATED CEFTAZIDIME'
4 water water
#
_entity_poly.entity_id   1
_entity_poly.type   'polypeptide(L)'
_entity_poly.pdbx_seq_one_letter_code
;MGNTPKDQEIKKLVDQNFKPLLEKYDVPGMAVGVIQNNKKYEMYYGLQSVQDKKAVNSSTIFELGSVSKLFTATAGGYAK
NKGKISFDDTPGKYWKELKNTPIDQVNLLQLATYTSGNLALQFPDEVKTDQQVLTFFKDWKPKNSIGEYRQYSNPSIGLF
GKVVALSMNKPFDQVLEKTIFPALGLKHSYVNVPKTQMQNYAFGYNQENQPIRVNRGPLDAAPAYGVKSTLPDMLSFIHA
NLNPQKYPADIQRAINETHQGRYQVNTMYQALGWEEFSYPATLQTLLDSNSEQIVMKPNKVTAISKEPSVKMYHKTGSTN
GFGTYVVFIPKENIGLVMLTNKRIPNEERIKAAYAVLNAIKK
;
_entity_poly.pdbx_strand_id   B,A
#
# COMPACT_ATOMS: atom_id res chain seq x y z
N ASN A 3 -12.79 27.73 -12.32
CA ASN A 3 -12.29 26.39 -12.61
C ASN A 3 -13.46 25.39 -12.59
N THR A 4 -13.59 24.64 -11.50
CA THR A 4 -14.68 23.66 -11.33
C THR A 4 -15.13 23.71 -9.87
N PRO A 5 -16.43 23.88 -9.60
CA PRO A 5 -16.88 23.97 -8.20
C PRO A 5 -16.48 22.75 -7.39
N LYS A 6 -16.27 22.97 -6.09
CA LYS A 6 -15.78 21.89 -5.24
C LYS A 6 -16.73 20.70 -5.19
N ASP A 7 -18.05 20.93 -5.17
CA ASP A 7 -18.95 19.79 -5.08
C ASP A 7 -18.82 18.92 -6.32
N GLN A 8 -18.58 19.53 -7.48
CA GLN A 8 -18.34 18.79 -8.70
C GLN A 8 -17.00 18.07 -8.67
N GLU A 9 -15.98 18.72 -8.09
CA GLU A 9 -14.66 18.10 -8.00
C GLU A 9 -14.71 16.81 -7.17
N ILE A 10 -15.41 16.86 -6.03
CA ILE A 10 -15.50 15.67 -5.18
C ILE A 10 -16.37 14.62 -5.86
N LYS A 11 -17.47 15.05 -6.51
CA LYS A 11 -18.28 14.10 -7.25
C LYS A 11 -17.44 13.39 -8.32
N LYS A 12 -16.61 14.14 -9.06
CA LYS A 12 -15.75 13.51 -10.06
C LYS A 12 -14.83 12.46 -9.45
N LEU A 13 -14.24 12.77 -8.29
CA LEU A 13 -13.30 11.84 -7.65
C LEU A 13 -14.01 10.57 -7.17
N VAL A 14 -15.22 10.71 -6.64
CA VAL A 14 -15.98 9.54 -6.23
C VAL A 14 -16.39 8.73 -7.45
N ASP A 15 -16.81 9.41 -8.53
CA ASP A 15 -17.10 8.74 -9.78
C ASP A 15 -15.88 7.98 -10.29
N GLN A 16 -14.70 8.58 -10.19
CA GLN A 16 -13.50 7.91 -10.71
C GLN A 16 -13.08 6.73 -9.85
N ASN A 17 -13.32 6.78 -8.56
CA ASN A 17 -12.78 5.75 -7.66
C ASN A 17 -13.80 4.79 -7.11
N PHE A 18 -15.03 5.20 -6.91
CA PHE A 18 -16.04 4.31 -6.38
C PHE A 18 -17.01 3.79 -7.43
N LYS A 19 -17.42 4.62 -8.39
CA LYS A 19 -18.40 4.14 -9.36
C LYS A 19 -17.96 2.89 -10.11
N PRO A 20 -16.69 2.75 -10.54
CA PRO A 20 -16.31 1.53 -11.26
C PRO A 20 -16.53 0.25 -10.48
N LEU A 21 -16.51 0.33 -9.14
CA LEU A 21 -16.75 -0.84 -8.31
C LEU A 21 -18.14 -1.42 -8.55
N LEU A 22 -19.11 -0.58 -8.88
CA LEU A 22 -20.47 -1.10 -9.11
C LEU A 22 -20.49 -2.10 -10.25
N GLU A 23 -19.86 -1.77 -11.38
CA GLU A 23 -19.83 -2.72 -12.50
C GLU A 23 -18.91 -3.89 -12.19
N LYS A 24 -17.75 -3.62 -11.57
CA LYS A 24 -16.74 -4.66 -11.37
C LYS A 24 -17.24 -5.76 -10.45
N TYR A 25 -18.03 -5.40 -9.44
CA TYR A 25 -18.51 -6.38 -8.47
C TYR A 25 -20.02 -6.57 -8.54
N ASP A 26 -20.67 -6.03 -9.57
CA ASP A 26 -22.09 -6.23 -9.79
C ASP A 26 -22.89 -5.78 -8.56
N VAL A 27 -22.62 -4.56 -8.12
CA VAL A 27 -23.23 -4.01 -6.91
C VAL A 27 -24.50 -3.27 -7.29
N PRO A 28 -25.67 -3.64 -6.74
CA PRO A 28 -26.89 -2.94 -7.14
C PRO A 28 -26.92 -1.47 -6.73
N GLY A 29 -26.46 -1.14 -5.52
CA GLY A 29 -26.67 0.18 -4.95
C GLY A 29 -25.51 0.60 -4.08
N MET A 30 -25.23 1.90 -4.08
CA MET A 30 -24.13 2.43 -3.27
C MET A 30 -24.39 3.87 -2.90
N ALA A 31 -24.04 4.22 -1.67
CA ALA A 31 -24.07 5.58 -1.17
C ALA A 31 -22.67 5.92 -0.68
N VAL A 32 -22.10 6.99 -1.20
CA VAL A 32 -20.80 7.50 -0.76
C VAL A 32 -20.96 8.94 -0.34
N GLY A 33 -20.33 9.27 0.79
CA GLY A 33 -20.44 10.60 1.36
C GLY A 33 -19.07 11.05 1.79
N VAL A 34 -18.81 12.35 1.63
CA VAL A 34 -17.56 12.96 2.05
C VAL A 34 -17.96 14.16 2.89
N ILE A 35 -17.27 14.36 4.00
CA ILE A 35 -17.44 15.56 4.81
C ILE A 35 -16.09 16.26 4.87
N GLN A 36 -16.08 17.56 4.58
CA GLN A 36 -14.86 18.34 4.56
C GLN A 36 -15.22 19.72 5.09
N ASN A 37 -14.57 20.14 6.17
CA ASN A 37 -14.79 21.47 6.76
C ASN A 37 -16.27 21.67 7.05
N ASN A 38 -16.89 20.66 7.64
CA ASN A 38 -18.28 20.70 8.06
C ASN A 38 -19.26 20.82 6.89
N LYS A 39 -18.80 20.66 5.65
CA LYS A 39 -19.66 20.57 4.48
C LYS A 39 -19.80 19.11 4.09
N LYS A 40 -21.03 18.69 3.76
CA LYS A 40 -21.33 17.31 3.41
C LYS A 40 -21.55 17.18 1.92
N TYR A 41 -20.99 16.13 1.34
CA TYR A 41 -21.16 15.81 -0.08
C TYR A 41 -21.65 14.38 -0.17
N GLU A 42 -22.79 14.18 -0.83
CA GLU A 42 -23.46 12.89 -0.87
C GLU A 42 -23.59 12.43 -2.32
N MET A 43 -23.31 11.17 -2.56
CA MET A 43 -23.39 10.58 -3.90
C MET A 43 -24.15 9.27 -3.78
N TYR A 44 -25.21 9.13 -4.55
CA TYR A 44 -26.06 7.94 -4.52
C TYR A 44 -26.10 7.32 -5.90
N TYR A 45 -25.91 6.01 -5.97
CA TYR A 45 -25.81 5.28 -7.20
C TYR A 45 -26.71 4.05 -7.15
N GLY A 46 -27.34 3.73 -8.27
CA GLY A 46 -27.97 2.42 -8.33
C GLY A 46 -29.23 2.33 -7.49
N LEU A 47 -29.55 1.08 -7.13
CA LEU A 47 -30.85 0.73 -6.59
C LEU A 47 -30.74 0.10 -5.21
N GLN A 48 -31.62 0.55 -4.31
CA GLN A 48 -31.79 -0.07 -2.99
C GLN A 48 -32.56 -1.38 -3.09
N SER A 49 -33.47 -1.46 -4.07
CA SER A 49 -34.20 -2.69 -4.36
C SER A 49 -34.24 -2.84 -5.87
N VAL A 50 -33.62 -3.90 -6.38
CA VAL A 50 -33.59 -4.09 -7.82
C VAL A 50 -34.98 -4.35 -8.35
N GLN A 51 -35.72 -5.28 -7.72
CA GLN A 51 -37.03 -5.65 -8.24
C GLN A 51 -38.02 -4.51 -8.15
N ASP A 52 -37.89 -3.65 -7.15
CA ASP A 52 -38.80 -2.53 -6.99
C ASP A 52 -38.35 -1.30 -7.77
N LYS A 53 -37.18 -1.33 -8.39
CA LYS A 53 -36.62 -0.18 -9.09
C LYS A 53 -36.58 1.06 -8.21
N LYS A 54 -36.30 0.88 -6.92
CA LYS A 54 -36.23 1.98 -5.98
C LYS A 54 -34.77 2.46 -5.87
N ALA A 55 -34.53 3.73 -6.20
CA ALA A 55 -33.18 4.26 -6.23
C ALA A 55 -32.60 4.43 -4.83
N VAL A 56 -31.28 4.21 -4.72
CA VAL A 56 -30.58 4.60 -3.50
C VAL A 56 -30.71 6.11 -3.34
N ASN A 57 -31.08 6.55 -2.14
CA ASN A 57 -31.20 7.97 -1.87
C ASN A 57 -30.86 8.25 -0.41
N SER A 58 -31.04 9.53 -0.01
CA SER A 58 -30.69 9.95 1.32
C SER A 58 -31.48 9.22 2.40
N SER A 59 -32.61 8.60 2.05
CA SER A 59 -33.41 7.88 3.02
C SER A 59 -33.07 6.39 3.11
N THR A 60 -32.23 5.90 2.23
CA THR A 60 -31.94 4.46 2.16
C THR A 60 -31.20 4.01 3.40
N ILE A 61 -31.69 2.91 3.99
CA ILE A 61 -31.15 2.31 5.20
C ILE A 61 -30.32 1.10 4.83
N PHE A 62 -29.07 1.06 5.30
CA PHE A 62 -28.13 -0.02 5.06
C PHE A 62 -27.73 -0.69 6.38
N GLU A 63 -27.36 -1.95 6.32
CA GLU A 63 -26.76 -2.65 7.45
C GLU A 63 -25.29 -2.30 7.55
N LEU A 64 -24.84 -1.97 8.76
CA LEU A 64 -23.46 -1.52 8.98
C LEU A 64 -22.48 -2.65 9.32
N GLY A 65 -22.94 -3.84 9.63
CA GLY A 65 -22.00 -4.87 10.02
C GLY A 65 -21.17 -4.43 11.21
N SER A 66 -19.87 -4.74 11.12
N SER A 66 -19.88 -4.75 11.19
CA SER A 66 -18.95 -4.47 12.23
CA SER A 66 -19.08 -4.46 12.38
C SER A 66 -18.92 -3.00 12.59
C SER A 66 -18.88 -2.97 12.61
N VAL A 67 -19.20 -2.11 11.63
CA VAL A 67 -19.22 -0.68 11.91
C VAL A 67 -20.18 -0.37 13.04
N SER A 68 -21.13 -1.27 13.33
CA SER A 68 -21.98 -1.14 14.51
C SER A 68 -21.18 -1.05 15.81
N LYS A 69 -19.98 -1.66 15.85
CA LYS A 69 -19.18 -1.66 17.06
C LYS A 69 -18.75 -0.25 17.44
N LEU A 70 -18.69 0.67 16.47
CA LEU A 70 -18.35 2.05 16.77
C LEU A 70 -19.40 2.68 17.66
N PHE A 71 -20.66 2.29 17.50
CA PHE A 71 -21.72 2.78 18.36
C PHE A 71 -21.67 2.10 19.73
N THR A 72 -21.33 0.81 19.76
CA THR A 72 -21.09 0.14 21.03
C THR A 72 -19.93 0.78 21.79
N ALA A 73 -18.84 1.06 21.09
CA ALA A 73 -17.70 1.72 21.70
C ALA A 73 -18.10 3.07 22.28
N THR A 74 -18.91 3.84 21.54
CA THR A 74 -19.36 5.14 22.00
C THR A 74 -20.25 4.99 23.24
N ALA A 75 -21.16 4.01 23.21
CA ALA A 75 -21.96 3.71 24.39
C ALA A 75 -21.09 3.36 25.61
N GLY A 76 -20.01 2.60 25.41
CA GLY A 76 -19.10 2.31 26.50
C GLY A 76 -18.41 3.54 27.07
N GLY A 77 -17.88 4.40 26.19
CA GLY A 77 -17.31 5.65 26.67
C GLY A 77 -18.31 6.51 27.41
N TYR A 78 -19.57 6.47 26.98
CA TYR A 78 -20.60 7.27 27.64
C TYR A 78 -20.82 6.76 29.06
N ALA A 79 -21.06 5.46 29.20
CA ALA A 79 -21.24 4.88 30.52
C ALA A 79 -20.04 5.10 31.42
N LYS A 80 -18.83 4.93 30.87
CA LYS A 80 -17.63 5.12 31.68
C LYS A 80 -17.56 6.53 32.23
N ASN A 81 -17.70 7.51 31.36
CA ASN A 81 -17.60 8.91 31.80
C ASN A 81 -18.81 9.36 32.58
N LYS A 82 -19.88 8.58 32.63
CA LYS A 82 -20.98 8.83 33.54
C LYS A 82 -20.83 8.07 34.85
N GLY A 83 -19.75 7.33 35.01
CA GLY A 83 -19.50 6.58 36.22
C GLY A 83 -20.31 5.33 36.38
N LYS A 84 -20.95 4.84 35.32
CA LYS A 84 -21.70 3.60 35.40
C LYS A 84 -20.78 2.38 35.34
N ILE A 85 -19.59 2.53 34.76
CA ILE A 85 -18.63 1.44 34.64
C ILE A 85 -17.24 2.03 34.75
N SER A 86 -16.28 1.18 35.10
CA SER A 86 -14.87 1.44 34.90
C SER A 86 -14.36 0.37 33.96
N PHE A 87 -13.42 0.74 33.07
CA PHE A 87 -12.85 -0.22 32.15
C PHE A 87 -11.98 -1.27 32.85
N ASP A 88 -11.60 -1.04 34.12
CA ASP A 88 -10.93 -2.06 34.90
C ASP A 88 -11.90 -3.04 35.55
N ASP A 89 -13.20 -2.79 35.46
CA ASP A 89 -14.18 -3.72 35.99
C ASP A 89 -14.16 -5.03 35.19
N THR A 90 -14.68 -6.07 35.81
CA THR A 90 -14.89 -7.35 35.18
C THR A 90 -16.38 -7.58 34.94
N PRO A 91 -16.75 -8.46 34.01
CA PRO A 91 -18.17 -8.53 33.61
C PRO A 91 -19.08 -9.03 34.71
N GLY A 92 -18.57 -9.85 35.64
CA GLY A 92 -19.42 -10.38 36.70
C GLY A 92 -19.94 -9.34 37.66
N LYS A 93 -19.30 -8.17 37.72
CA LYS A 93 -19.84 -7.08 38.53
C LYS A 93 -21.23 -6.68 38.06
N TYR A 94 -21.55 -6.93 36.80
CA TYR A 94 -22.80 -6.48 36.20
C TYR A 94 -23.69 -7.61 35.74
N TRP A 95 -23.10 -8.65 35.14
CA TRP A 95 -23.80 -9.90 34.86
C TRP A 95 -23.40 -10.86 35.99
N LYS A 96 -24.19 -10.84 37.07
CA LYS A 96 -23.78 -11.52 38.30
C LYS A 96 -23.63 -13.02 38.09
N GLU A 97 -24.33 -13.58 37.10
CA GLU A 97 -24.23 -15.00 36.80
C GLU A 97 -22.83 -15.40 36.33
N LEU A 98 -22.01 -14.43 35.92
CA LEU A 98 -20.64 -14.71 35.50
C LEU A 98 -19.64 -14.56 36.63
N LYS A 99 -20.06 -14.07 37.79
CA LYS A 99 -19.17 -13.98 38.94
C LYS A 99 -18.67 -15.37 39.30
N ASN A 100 -17.39 -15.46 39.69
CA ASN A 100 -16.75 -16.71 40.06
C ASN A 100 -16.55 -17.64 38.86
N THR A 101 -16.53 -17.10 37.64
CA THR A 101 -16.21 -17.87 36.45
C THR A 101 -14.91 -17.35 35.85
N PRO A 102 -14.28 -18.12 34.98
CA PRO A 102 -13.01 -17.66 34.37
C PRO A 102 -13.14 -16.32 33.66
N ILE A 103 -14.21 -16.11 32.89
CA ILE A 103 -14.37 -14.85 32.15
C ILE A 103 -14.44 -13.66 33.08
N ASP A 104 -14.74 -13.87 34.37
CA ASP A 104 -14.74 -12.76 35.31
C ASP A 104 -13.34 -12.28 35.67
N GLN A 105 -12.29 -12.91 35.13
CA GLN A 105 -10.94 -12.39 35.25
C GLN A 105 -10.59 -11.37 34.17
N VAL A 106 -11.38 -11.30 33.11
CA VAL A 106 -11.14 -10.41 31.98
C VAL A 106 -11.84 -9.09 32.28
N ASN A 107 -11.17 -7.97 32.03
CA ASN A 107 -11.78 -6.68 32.31
C ASN A 107 -12.43 -6.12 31.06
N LEU A 108 -13.16 -5.02 31.26
CA LEU A 108 -14.04 -4.50 30.22
C LEU A 108 -13.24 -3.98 29.04
N LEU A 109 -12.10 -3.34 29.29
CA LEU A 109 -11.29 -2.86 28.19
C LEU A 109 -10.76 -4.01 27.36
N GLN A 110 -10.37 -5.09 28.04
CA GLN A 110 -9.87 -6.27 27.33
C GLN A 110 -10.95 -6.88 26.45
N LEU A 111 -12.19 -6.92 26.93
CA LEU A 111 -13.27 -7.44 26.10
C LEU A 111 -13.54 -6.52 24.90
N ALA A 112 -13.50 -5.21 25.13
CA ALA A 112 -13.80 -4.24 24.09
C ALA A 112 -12.72 -4.21 23.02
N THR A 113 -11.49 -4.62 23.33
CA THR A 113 -10.38 -4.57 22.40
C THR A 113 -9.83 -5.94 22.09
N TYR A 114 -10.61 -7.01 22.36
CA TYR A 114 -10.37 -8.34 21.82
C TYR A 114 -9.14 -9.06 22.39
N THR A 115 -8.78 -8.81 23.65
CA THR A 115 -7.58 -9.45 24.21
C THR A 115 -7.89 -10.40 25.37
N SER A 116 -9.09 -10.97 25.42
CA SER A 116 -9.39 -11.95 26.48
C SER A 116 -8.46 -13.16 26.41
N GLY A 117 -7.95 -13.49 25.24
CA GLY A 117 -7.08 -14.63 25.06
C GLY A 117 -7.73 -15.90 24.57
N ASN A 118 -9.06 -15.96 24.51
CA ASN A 118 -9.72 -17.16 24.01
C ASN A 118 -11.15 -16.90 23.55
N LEU A 119 -11.37 -15.89 22.70
CA LEU A 119 -12.68 -15.67 22.13
C LEU A 119 -12.54 -15.60 20.62
N ALA A 120 -13.36 -16.39 19.92
CA ALA A 120 -13.24 -16.55 18.49
C ALA A 120 -13.99 -15.43 17.77
N LEU A 121 -13.86 -15.44 16.44
CA LEU A 121 -14.47 -14.40 15.62
C LEU A 121 -15.97 -14.31 15.84
N GLN A 122 -16.66 -15.47 15.82
CA GLN A 122 -18.10 -15.50 15.90
C GLN A 122 -18.56 -16.37 17.08
N PHE A 123 -19.76 -16.06 17.58
CA PHE A 123 -20.48 -17.02 18.41
C PHE A 123 -20.68 -18.31 17.63
N PRO A 124 -20.69 -19.45 18.29
CA PRO A 124 -21.12 -20.69 17.61
C PRO A 124 -22.51 -20.53 16.99
N ASP A 125 -22.72 -21.15 15.82
CA ASP A 125 -24.01 -21.07 15.16
C ASP A 125 -25.14 -21.50 16.08
N GLU A 126 -24.88 -22.46 16.99
CA GLU A 126 -25.91 -22.97 17.88
C GLU A 126 -26.20 -22.07 19.06
N VAL A 127 -25.41 -21.02 19.28
CA VAL A 127 -25.67 -20.07 20.37
C VAL A 127 -26.65 -19.03 19.84
N LYS A 128 -27.88 -19.10 20.30
CA LYS A 128 -28.97 -18.27 19.82
C LYS A 128 -29.70 -17.54 20.92
N THR A 129 -30.00 -18.20 22.04
CA THR A 129 -30.77 -17.60 23.13
C THR A 129 -29.83 -16.97 24.16
N ASP A 130 -30.37 -16.00 24.91
CA ASP A 130 -29.59 -15.39 25.98
C ASP A 130 -29.12 -16.44 26.98
N GLN A 131 -29.84 -17.56 27.10
CA GLN A 131 -29.38 -18.66 27.96
C GLN A 131 -28.14 -19.32 27.38
N GLN A 132 -28.17 -19.63 26.07
CA GLN A 132 -26.99 -20.20 25.43
C GLN A 132 -25.84 -19.22 25.41
N VAL A 133 -26.11 -17.91 25.35
CA VAL A 133 -25.04 -16.93 25.43
C VAL A 133 -24.44 -16.92 26.83
N LEU A 134 -25.28 -16.87 27.85
CA LEU A 134 -24.78 -16.96 29.22
C LEU A 134 -23.96 -18.22 29.40
N THR A 135 -24.49 -19.36 28.99
CA THR A 135 -23.80 -20.63 29.14
C THR A 135 -22.50 -20.66 28.33
N PHE A 136 -22.48 -20.03 27.17
CA PHE A 136 -21.24 -19.92 26.39
C PHE A 136 -20.15 -19.24 27.20
N PHE A 137 -20.49 -18.16 27.91
CA PHE A 137 -19.49 -17.41 28.65
C PHE A 137 -19.14 -18.08 29.98
N LYS A 138 -20.11 -18.72 30.65
CA LYS A 138 -19.77 -19.46 31.87
C LYS A 138 -18.89 -20.67 31.54
N ASP A 139 -19.03 -21.22 30.34
CA ASP A 139 -18.22 -22.35 29.90
C ASP A 139 -16.87 -21.89 29.36
N TRP A 140 -16.69 -20.60 29.14
CA TRP A 140 -15.42 -20.08 28.64
C TRP A 140 -14.28 -20.37 29.60
N LYS A 141 -13.13 -20.72 29.04
CA LYS A 141 -11.92 -20.96 29.79
C LYS A 141 -10.76 -20.23 29.11
N PRO A 142 -9.79 -19.75 29.89
CA PRO A 142 -8.67 -19.03 29.27
C PRO A 142 -7.80 -19.96 28.44
N LYS A 143 -6.95 -19.33 27.62
CA LYS A 143 -5.93 -20.03 26.85
C LYS A 143 -4.62 -19.25 26.98
N ASN A 144 -4.44 -18.25 26.12
CA ASN A 144 -3.33 -17.33 26.27
C ASN A 144 -3.56 -16.40 27.47
N SER A 145 -2.47 -15.80 27.94
CA SER A 145 -2.58 -14.82 29.01
C SER A 145 -3.55 -13.72 28.62
N ILE A 146 -4.42 -13.35 29.56
CA ILE A 146 -5.40 -12.30 29.31
C ILE A 146 -4.67 -10.97 29.13
N GLY A 147 -5.02 -10.25 28.06
CA GLY A 147 -4.41 -8.97 27.74
C GLY A 147 -3.22 -9.05 26.81
N GLU A 148 -2.80 -10.26 26.43
CA GLU A 148 -1.56 -10.43 25.67
C GLU A 148 -1.78 -10.51 24.17
N TYR A 149 -2.89 -11.07 23.73
CA TYR A 149 -3.12 -11.37 22.32
C TYR A 149 -4.43 -10.75 21.84
N ARG A 150 -4.37 -10.09 20.70
CA ARG A 150 -5.56 -9.57 20.04
C ARG A 150 -6.14 -10.65 19.11
N GLN A 151 -7.40 -11.01 19.32
CA GLN A 151 -8.12 -11.84 18.38
C GLN A 151 -9.46 -11.18 18.12
N TYR A 152 -9.62 -10.63 16.91
CA TYR A 152 -10.86 -9.94 16.56
C TYR A 152 -12.03 -10.87 16.81
N SER A 153 -13.01 -10.38 17.59
CA SER A 153 -14.04 -11.27 18.13
C SER A 153 -15.34 -10.53 18.34
N ASN A 154 -16.40 -11.02 17.69
CA ASN A 154 -17.73 -10.46 17.92
C ASN A 154 -18.26 -10.80 19.29
N PRO A 155 -18.10 -12.04 19.77
CA PRO A 155 -18.50 -12.33 21.16
C PRO A 155 -17.87 -11.39 22.16
N SER A 156 -16.59 -11.07 21.97
CA SER A 156 -15.85 -10.28 22.94
C SER A 156 -16.49 -8.90 23.12
N ILE A 157 -16.68 -8.18 22.03
CA ILE A 157 -17.30 -6.85 22.16
C ILE A 157 -18.80 -6.99 22.39
N GLY A 158 -19.40 -8.13 22.06
CA GLY A 158 -20.80 -8.36 22.40
C GLY A 158 -21.03 -8.44 23.91
N LEU A 159 -20.14 -9.13 24.62
CA LEU A 159 -20.20 -9.14 26.08
C LEU A 159 -19.96 -7.75 26.64
N PHE A 160 -19.00 -7.02 26.07
CA PHE A 160 -18.76 -5.65 26.47
C PHE A 160 -20.04 -4.84 26.43
N GLY A 161 -20.77 -4.93 25.32
CA GLY A 161 -21.96 -4.12 25.14
C GLY A 161 -23.09 -4.55 26.06
N LYS A 162 -23.24 -5.85 26.28
CA LYS A 162 -24.21 -6.32 27.26
C LYS A 162 -23.92 -5.73 28.63
N VAL A 163 -22.65 -5.71 29.04
CA VAL A 163 -22.29 -5.13 30.32
C VAL A 163 -22.63 -3.65 30.34
N VAL A 164 -22.36 -2.95 29.23
CA VAL A 164 -22.68 -1.52 29.15
C VAL A 164 -24.18 -1.34 29.34
N ALA A 165 -24.98 -2.15 28.64
CA ALA A 165 -26.44 -2.06 28.79
C ALA A 165 -26.86 -2.32 30.23
N LEU A 166 -26.32 -3.37 30.86
CA LEU A 166 -26.69 -3.66 32.24
C LEU A 166 -26.33 -2.50 33.16
N SER A 167 -25.16 -1.88 32.96
CA SER A 167 -24.75 -0.77 33.81
C SER A 167 -25.64 0.46 33.66
N MET A 168 -26.31 0.62 32.52
CA MET A 168 -27.25 1.71 32.30
C MET A 168 -28.70 1.27 32.53
N ASN A 169 -28.92 0.06 33.04
CA ASN A 169 -30.25 -0.45 33.37
C ASN A 169 -31.23 -0.32 32.21
N LYS A 170 -30.78 -0.69 31.01
CA LYS A 170 -31.62 -0.63 29.81
C LYS A 170 -31.16 -1.73 28.88
N PRO A 171 -32.06 -2.30 28.07
CA PRO A 171 -31.60 -3.21 27.01
C PRO A 171 -30.69 -2.46 26.05
N PHE A 172 -29.73 -3.19 25.48
CA PHE A 172 -28.74 -2.54 24.61
C PHE A 172 -29.41 -1.78 23.47
N ASP A 173 -30.46 -2.36 22.85
CA ASP A 173 -31.11 -1.66 21.75
C ASP A 173 -31.68 -0.32 22.21
N GLN A 174 -32.13 -0.24 23.46
CA GLN A 174 -32.66 1.01 23.98
C GLN A 174 -31.55 1.99 24.32
N VAL A 175 -30.40 1.49 24.80
CA VAL A 175 -29.27 2.38 25.04
C VAL A 175 -28.92 3.13 23.77
N LEU A 176 -28.95 2.44 22.62
CA LEU A 176 -28.60 3.12 21.38
C LEU A 176 -29.75 3.99 20.88
N GLU A 177 -30.98 3.44 20.84
CA GLU A 177 -32.06 4.17 20.17
C GLU A 177 -32.61 5.30 21.04
N LYS A 178 -32.53 5.18 22.36
CA LYS A 178 -33.06 6.23 23.22
C LYS A 178 -31.98 7.12 23.83
N THR A 179 -30.74 6.68 23.91
CA THR A 179 -29.71 7.49 24.54
C THR A 179 -28.61 7.91 23.56
N ILE A 180 -27.96 6.97 22.90
CA ILE A 180 -26.75 7.32 22.17
C ILE A 180 -27.10 7.97 20.82
N PHE A 181 -28.01 7.36 20.05
CA PHE A 181 -28.39 7.98 18.79
C PHE A 181 -28.97 9.38 18.98
N PRO A 182 -29.89 9.61 19.91
CA PRO A 182 -30.36 11.00 20.13
C PRO A 182 -29.25 11.96 20.53
N ALA A 183 -28.39 11.55 21.46
CA ALA A 183 -27.28 12.42 21.85
C ALA A 183 -26.42 12.80 20.65
N LEU A 184 -26.28 11.90 19.67
CA LEU A 184 -25.49 12.17 18.47
C LEU A 184 -26.28 12.84 17.35
N GLY A 185 -27.56 13.12 17.58
CA GLY A 185 -28.39 13.74 16.56
C GLY A 185 -28.72 12.87 15.38
N LEU A 186 -28.81 11.57 15.58
CA LEU A 186 -29.10 10.61 14.53
C LEU A 186 -30.55 10.19 14.65
N LYS A 187 -31.36 10.53 13.64
CA LYS A 187 -32.78 10.23 13.65
C LYS A 187 -33.17 9.13 12.67
N HIS A 188 -32.22 8.54 11.95
N HIS A 188 -32.21 8.54 11.96
CA HIS A 188 -32.48 7.46 11.01
CA HIS A 188 -32.47 7.48 11.00
C HIS A 188 -31.51 6.31 11.20
C HIS A 188 -31.52 6.31 11.19
N SER A 189 -31.10 6.05 12.43
CA SER A 189 -30.22 4.96 12.78
C SER A 189 -30.96 4.04 13.73
N TYR A 190 -30.83 2.73 13.53
CA TYR A 190 -31.68 1.78 14.22
C TYR A 190 -30.93 0.50 14.56
N VAL A 191 -31.30 -0.10 15.68
CA VAL A 191 -31.00 -1.50 15.90
C VAL A 191 -32.09 -2.38 15.31
N ASN A 192 -33.34 -1.97 15.49
CA ASN A 192 -34.51 -2.61 14.88
C ASN A 192 -35.21 -1.57 14.02
N VAL A 193 -35.24 -1.81 12.71
CA VAL A 193 -35.86 -0.88 11.77
C VAL A 193 -37.37 -0.94 11.92
N PRO A 194 -38.03 0.15 12.27
CA PRO A 194 -39.48 0.10 12.48
C PRO A 194 -40.24 -0.17 11.20
N LYS A 195 -41.52 -0.55 11.38
CA LYS A 195 -42.36 -0.89 10.22
C LYS A 195 -42.46 0.27 9.24
N THR A 196 -42.60 1.49 9.76
CA THR A 196 -42.75 2.66 8.92
C THR A 196 -41.52 2.95 8.06
N GLN A 197 -40.41 2.27 8.29
CA GLN A 197 -39.19 2.53 7.54
C GLN A 197 -38.78 1.35 6.66
N MET A 198 -39.55 0.26 6.68
CA MET A 198 -39.19 -0.88 5.84
C MET A 198 -39.12 -0.50 4.36
N GLN A 199 -39.90 0.49 3.93
CA GLN A 199 -39.84 0.90 2.54
C GLN A 199 -38.49 1.52 2.18
N ASN A 200 -37.76 2.00 3.17
CA ASN A 200 -36.45 2.59 2.99
C ASN A 200 -35.31 1.63 3.26
N TYR A 201 -35.63 0.44 3.74
CA TYR A 201 -34.62 -0.55 4.12
C TYR A 201 -34.16 -1.29 2.87
N ALA A 202 -32.92 -1.05 2.46
CA ALA A 202 -32.41 -1.69 1.25
C ALA A 202 -32.43 -3.20 1.42
N PHE A 203 -32.77 -3.88 0.34
CA PHE A 203 -32.40 -5.28 0.22
C PHE A 203 -30.88 -5.40 0.21
N GLY A 204 -30.38 -6.38 0.91
CA GLY A 204 -29.02 -6.82 0.69
C GLY A 204 -29.01 -7.84 -0.41
N TYR A 205 -27.87 -8.00 -1.06
CA TYR A 205 -27.75 -8.90 -2.20
C TYR A 205 -26.54 -9.78 -2.00
N ASN A 206 -26.75 -11.09 -2.16
CA ASN A 206 -25.67 -12.04 -1.97
C ASN A 206 -24.83 -12.12 -3.24
N GLN A 207 -23.88 -13.06 -3.28
CA GLN A 207 -22.94 -13.09 -4.40
C GLN A 207 -23.53 -13.67 -5.66
N GLU A 208 -24.77 -14.17 -5.59
CA GLU A 208 -25.56 -14.48 -6.77
C GLU A 208 -26.54 -13.36 -7.10
N ASN A 209 -26.36 -12.19 -6.46
CA ASN A 209 -27.23 -11.03 -6.66
C ASN A 209 -28.69 -11.37 -6.35
N GLN A 210 -28.89 -12.26 -5.39
CA GLN A 210 -30.22 -12.54 -4.89
C GLN A 210 -30.54 -11.68 -3.68
N PRO A 211 -31.73 -11.10 -3.59
CA PRO A 211 -32.08 -10.28 -2.44
C PRO A 211 -32.24 -11.11 -1.17
N ILE A 212 -31.70 -10.58 -0.07
CA ILE A 212 -31.72 -11.23 1.23
C ILE A 212 -31.87 -10.14 2.28
N ARG A 213 -32.08 -10.54 3.53
CA ARG A 213 -32.12 -9.59 4.64
C ARG A 213 -32.33 -10.33 5.96
N PRO A 218 -27.39 -14.21 17.80
CA PRO A 218 -28.23 -13.87 18.96
C PRO A 218 -28.39 -12.37 19.18
N LEU A 219 -29.39 -11.97 19.98
CA LEU A 219 -29.60 -10.55 20.27
C LEU A 219 -28.37 -9.94 20.92
N ASP A 220 -27.64 -10.70 21.72
CA ASP A 220 -26.41 -10.19 22.33
C ASP A 220 -25.28 -10.05 21.32
N ALA A 221 -25.51 -10.39 20.05
CA ALA A 221 -24.57 -10.07 18.99
C ALA A 221 -24.83 -8.70 18.35
N ALA A 222 -25.94 -8.05 18.72
CA ALA A 222 -26.24 -6.74 18.16
C ALA A 222 -25.14 -5.71 18.43
N PRO A 223 -24.50 -5.68 19.61
CA PRO A 223 -23.38 -4.72 19.79
C PRO A 223 -22.23 -4.97 18.83
N ALA A 224 -22.12 -6.17 18.26
CA ALA A 224 -21.04 -6.45 17.32
C ALA A 224 -21.40 -6.10 15.89
N TYR A 225 -22.67 -6.25 15.49
CA TYR A 225 -23.03 -5.97 14.10
C TYR A 225 -24.52 -5.73 13.83
N GLY A 226 -25.25 -5.13 14.77
CA GLY A 226 -26.69 -5.03 14.67
C GLY A 226 -27.30 -3.70 14.24
N VAL A 227 -26.51 -2.71 13.86
CA VAL A 227 -27.03 -1.39 13.56
C VAL A 227 -27.28 -1.21 12.07
N LYS A 228 -28.34 -0.44 11.77
CA LYS A 228 -28.69 0.00 10.43
C LYS A 228 -28.70 1.54 10.40
N SER A 229 -28.34 2.11 9.25
CA SER A 229 -28.26 3.58 9.20
C SER A 229 -28.28 4.06 7.75
N THR A 230 -28.42 5.37 7.59
CA THR A 230 -28.45 6.05 6.31
C THR A 230 -27.14 6.82 6.11
N LEU A 231 -26.87 7.20 4.88
CA LEU A 231 -25.65 7.97 4.62
C LEU A 231 -25.66 9.30 5.36
N PRO A 232 -26.76 10.07 5.38
CA PRO A 232 -26.74 11.32 6.17
C PRO A 232 -26.41 11.11 7.63
N ASP A 233 -26.97 10.06 8.23
CA ASP A 233 -26.69 9.78 9.64
C ASP A 233 -25.24 9.40 9.85
N MET A 234 -24.69 8.57 8.97
CA MET A 234 -23.30 8.15 9.10
C MET A 234 -22.36 9.34 8.89
N LEU A 235 -22.72 10.29 8.03
CA LEU A 235 -21.90 11.48 7.89
C LEU A 235 -22.01 12.37 9.12
N SER A 236 -23.21 12.47 9.71
CA SER A 236 -23.35 13.17 10.97
C SER A 236 -22.50 12.52 12.06
N PHE A 237 -22.45 11.18 12.09
CA PHE A 237 -21.62 10.48 13.06
C PHE A 237 -20.15 10.78 12.82
N ILE A 238 -19.72 10.80 11.56
CA ILE A 238 -18.34 11.17 11.27
C ILE A 238 -18.10 12.63 11.71
N HIS A 239 -19.09 13.50 11.46
CA HIS A 239 -18.97 14.89 11.91
C HIS A 239 -18.79 14.95 13.42
N ALA A 240 -19.55 14.15 14.16
CA ALA A 240 -19.40 14.11 15.62
C ALA A 240 -17.99 13.69 16.02
N ASN A 241 -17.41 12.69 15.35
CA ASN A 241 -16.05 12.28 15.65
C ASN A 241 -15.02 13.32 15.27
N LEU A 242 -15.28 14.11 14.23
CA LEU A 242 -14.36 15.20 13.88
C LEU A 242 -14.54 16.42 14.78
N ASN A 243 -15.68 16.58 15.43
CA ASN A 243 -15.99 17.78 16.22
C ASN A 243 -16.66 17.41 17.53
N PRO A 244 -15.97 16.67 18.38
CA PRO A 244 -16.60 16.28 19.67
C PRO A 244 -16.97 17.46 20.51
N GLN A 245 -16.18 18.55 20.43
CA GLN A 245 -16.43 19.76 21.21
C GLN A 245 -17.78 20.40 20.93
N LYS A 246 -18.45 20.02 19.85
CA LYS A 246 -19.75 20.58 19.54
C LYS A 246 -20.88 19.85 20.24
N TYR A 247 -20.56 18.90 21.12
CA TYR A 247 -21.57 18.07 21.75
C TYR A 247 -21.51 18.22 23.26
N PRO A 248 -22.60 17.86 23.96
CA PRO A 248 -22.59 17.92 25.43
C PRO A 248 -21.45 17.09 26.01
N ALA A 249 -21.06 17.45 27.22
CA ALA A 249 -19.85 16.88 27.80
C ALA A 249 -19.92 15.35 27.85
N ASP A 250 -21.09 14.79 28.15
CA ASP A 250 -21.20 13.34 28.31
C ASP A 250 -20.81 12.62 27.03
N ILE A 251 -21.41 13.01 25.90
CA ILE A 251 -21.14 12.31 24.66
C ILE A 251 -19.82 12.79 24.06
N GLN A 252 -19.45 14.05 24.30
CA GLN A 252 -18.11 14.51 23.91
C GLN A 252 -17.03 13.63 24.53
N ARG A 253 -17.12 13.39 25.84
CA ARG A 253 -16.14 12.52 26.49
C ARG A 253 -16.23 11.10 25.96
N ALA A 254 -17.45 10.63 25.66
CA ALA A 254 -17.62 9.29 25.10
C ALA A 254 -16.89 9.17 23.76
N ILE A 255 -17.10 10.14 22.87
CA ILE A 255 -16.44 10.12 21.57
C ILE A 255 -14.93 10.12 21.74
N ASN A 256 -14.40 11.03 22.56
CA ASN A 256 -12.97 11.06 22.77
C ASN A 256 -12.45 9.74 23.34
N GLU A 257 -13.24 9.07 24.20
CA GLU A 257 -12.82 7.79 24.72
C GLU A 257 -12.56 6.80 23.61
N THR A 258 -13.37 6.85 22.54
CA THR A 258 -13.22 5.90 21.44
C THR A 258 -12.03 6.23 20.56
N HIS A 259 -11.47 7.43 20.66
CA HIS A 259 -10.29 7.79 19.87
C HIS A 259 -8.98 7.42 20.55
N GLN A 260 -9.01 6.94 21.78
CA GLN A 260 -7.78 6.75 22.55
C GLN A 260 -7.17 5.40 22.16
N GLY A 261 -6.01 5.42 21.53
CA GLY A 261 -5.30 4.18 21.26
C GLY A 261 -4.97 3.45 22.55
N ARG A 262 -5.16 2.12 22.53
CA ARG A 262 -4.99 1.30 23.72
C ARG A 262 -3.74 0.43 23.66
N TYR A 263 -3.36 -0.04 22.50
CA TYR A 263 -2.19 -0.86 22.28
C TYR A 263 -1.94 -0.84 20.77
N GLN A 264 -0.83 -1.41 20.36
CA GLN A 264 -0.47 -1.51 18.96
C GLN A 264 -0.33 -2.97 18.54
N VAL A 265 -0.68 -3.24 17.27
CA VAL A 265 -0.20 -4.42 16.56
C VAL A 265 0.46 -3.87 15.29
N ASN A 266 1.79 -3.79 15.32
CA ASN A 266 2.58 -3.25 14.21
C ASN A 266 2.13 -1.81 14.04
N THR A 267 1.73 -1.39 12.83
CA THR A 267 1.36 -0.02 12.52
C THR A 267 -0.05 0.32 12.95
N MET A 268 -0.79 -0.61 13.49
CA MET A 268 -2.18 -0.39 13.85
C MET A 268 -2.28 -0.12 15.33
N TYR A 269 -2.99 0.93 15.68
CA TYR A 269 -3.38 1.26 17.03
C TYR A 269 -4.83 0.83 17.22
N GLN A 270 -5.08 0.01 18.23
CA GLN A 270 -6.43 -0.41 18.56
C GLN A 270 -7.04 0.59 19.52
N ALA A 271 -8.03 1.35 19.03
CA ALA A 271 -8.84 2.22 19.87
C ALA A 271 -10.07 1.43 20.28
N LEU A 272 -11.09 2.10 20.82
CA LEU A 272 -12.35 1.44 21.15
C LEU A 272 -13.22 1.47 19.90
N GLY A 273 -13.45 0.29 19.29
CA GLY A 273 -14.17 0.23 18.03
C GLY A 273 -13.30 0.63 16.87
N TRP A 274 -12.84 1.88 16.85
CA TRP A 274 -12.02 2.37 15.76
C TRP A 274 -10.64 1.75 15.74
N GLU A 275 -10.13 1.53 14.54
CA GLU A 275 -8.70 1.30 14.32
C GLU A 275 -8.06 2.65 14.03
N GLU A 276 -6.88 2.87 14.56
CA GLU A 276 -6.22 4.17 14.54
C GLU A 276 -4.83 4.03 13.91
N PHE A 277 -4.42 5.07 13.18
CA PHE A 277 -3.15 5.03 12.48
C PHE A 277 -2.48 6.40 12.54
N SER A 278 -1.17 6.39 12.58
CA SER A 278 -0.40 7.62 12.37
C SER A 278 -0.72 8.18 10.99
N TYR A 279 -0.94 9.48 10.91
CA TYR A 279 -1.29 10.13 9.66
C TYR A 279 -0.16 11.09 9.26
N PRO A 280 0.25 11.11 8.00
CA PRO A 280 -0.25 10.31 6.87
C PRO A 280 0.05 8.83 7.04
N ALA A 281 -0.89 7.99 6.62
CA ALA A 281 -0.73 6.55 6.65
C ALA A 281 -0.48 6.08 5.21
N THR A 282 0.46 5.16 5.05
CA THR A 282 0.63 4.54 3.75
C THR A 282 -0.59 3.67 3.44
N LEU A 283 -0.86 3.49 2.16
CA LEU A 283 -1.95 2.60 1.77
C LEU A 283 -1.73 1.21 2.38
N GLN A 284 -0.49 0.71 2.35
CA GLN A 284 -0.23 -0.65 2.85
C GLN A 284 -0.51 -0.75 4.36
N THR A 285 -0.20 0.29 5.14
CA THR A 285 -0.58 0.29 6.54
C THR A 285 -2.08 0.05 6.69
N LEU A 286 -2.90 0.76 5.91
CA LEU A 286 -4.34 0.59 5.99
C LEU A 286 -4.77 -0.78 5.51
N LEU A 287 -4.19 -1.27 4.42
CA LEU A 287 -4.51 -2.62 3.96
C LEU A 287 -4.12 -3.68 4.97
N ASP A 288 -2.99 -3.49 5.66
CA ASP A 288 -2.52 -4.47 6.64
C ASP A 288 -3.54 -4.69 7.76
N SER A 289 -4.20 -3.63 8.19
CA SER A 289 -5.19 -3.77 9.26
C SER A 289 -6.30 -4.72 8.88
N ASN A 290 -6.51 -4.95 7.58
CA ASN A 290 -7.58 -5.80 7.06
CA ASN A 290 -7.59 -5.82 7.11
C ASN A 290 -7.06 -7.13 6.53
N SER A 291 -5.76 -7.40 6.71
CA SER A 291 -5.16 -8.64 6.26
C SER A 291 -5.65 -9.83 7.08
N GLU A 292 -5.52 -11.03 6.49
CA GLU A 292 -5.91 -12.25 7.19
C GLU A 292 -5.15 -12.39 8.50
N GLN A 293 -3.87 -12.05 8.51
CA GLN A 293 -3.07 -12.13 9.72
C GLN A 293 -3.71 -11.36 10.88
N ILE A 294 -4.13 -10.12 10.60
CA ILE A 294 -4.61 -9.26 11.67
C ILE A 294 -6.05 -9.59 12.05
N VAL A 295 -6.89 -9.90 11.05
CA VAL A 295 -8.32 -10.06 11.28
C VAL A 295 -8.65 -11.45 11.83
N MET A 296 -7.98 -12.48 11.33
CA MET A 296 -8.40 -13.86 11.58
C MET A 296 -7.53 -14.61 12.58
N LYS A 297 -6.31 -14.16 12.82
CA LYS A 297 -5.38 -14.83 13.72
C LYS A 297 -5.15 -14.02 14.99
N PRO A 298 -4.74 -14.68 16.07
CA PRO A 298 -4.25 -13.93 17.23
C PRO A 298 -2.90 -13.28 16.94
N ASN A 299 -2.70 -12.11 17.53
CA ASN A 299 -1.45 -11.39 17.40
C ASN A 299 -1.09 -10.79 18.75
N LYS A 300 0.16 -10.97 19.16
CA LYS A 300 0.66 -10.35 20.37
C LYS A 300 0.58 -8.83 20.24
N VAL A 301 0.02 -8.20 21.22
CA VAL A 301 -0.11 -6.74 21.22
C VAL A 301 1.10 -6.17 21.94
N THR A 302 1.41 -4.91 21.64
CA THR A 302 2.52 -4.22 22.28
C THR A 302 2.03 -2.87 22.77
N ALA A 303 2.66 -2.37 23.82
CA ALA A 303 2.31 -1.04 24.31
C ALA A 303 2.58 0.01 23.23
N ILE A 304 1.75 1.03 23.22
CA ILE A 304 2.01 2.19 22.39
C ILE A 304 3.32 2.83 22.81
N SER A 305 4.19 3.09 21.83
CA SER A 305 5.44 3.82 22.08
C SER A 305 5.38 5.22 21.47
N LYS A 306 5.12 5.34 20.17
CA LYS A 306 4.85 6.62 19.54
C LYS A 306 3.37 6.89 19.69
N GLU A 307 3.03 7.84 20.51
CA GLU A 307 1.65 8.32 20.62
C GLU A 307 1.46 9.30 19.48
N PRO A 308 0.78 8.93 18.38
CA PRO A 308 0.75 9.83 17.21
C PRO A 308 -0.01 11.10 17.50
N SER A 309 0.61 12.24 17.20
CA SER A 309 -0.08 13.51 17.33
C SER A 309 -1.11 13.68 16.22
N VAL A 310 -0.76 13.32 14.99
CA VAL A 310 -1.63 13.44 13.83
C VAL A 310 -2.03 12.02 13.44
N LYS A 311 -3.33 11.75 13.46
CA LYS A 311 -3.82 10.39 13.35
C LYS A 311 -5.04 10.35 12.43
N MET A 312 -5.36 9.15 11.99
CA MET A 312 -6.61 8.89 11.30
C MET A 312 -7.19 7.60 11.89
N TYR A 313 -8.45 7.35 11.57
CA TYR A 313 -9.22 6.23 12.11
C TYR A 313 -10.04 5.64 10.98
N HIS A 314 -10.24 4.32 11.02
CA HIS A 314 -11.19 3.74 10.08
C HIS A 314 -11.80 2.47 10.66
N LYS A 315 -12.81 1.98 9.95
CA LYS A 315 -13.45 0.71 10.27
C LYS A 315 -14.18 0.20 9.05
N THR A 316 -13.98 -1.07 8.73
CA THR A 316 -14.79 -1.78 7.74
C THR A 316 -15.87 -2.58 8.47
N GLY A 317 -16.94 -2.90 7.74
CA GLY A 317 -17.95 -3.80 8.26
C GLY A 317 -18.69 -4.44 7.11
N SER A 318 -19.14 -5.67 7.34
CA SER A 318 -19.90 -6.40 6.32
C SER A 318 -20.96 -7.26 7.00
N THR A 319 -22.06 -7.45 6.28
CA THR A 319 -23.04 -8.51 6.53
C THR A 319 -23.17 -9.30 5.23
N ASN A 320 -24.00 -10.35 5.25
CA ASN A 320 -24.10 -11.21 4.07
C ASN A 320 -24.40 -10.40 2.81
N GLY A 321 -25.21 -9.36 2.93
CA GLY A 321 -25.60 -8.60 1.76
C GLY A 321 -25.21 -7.13 1.74
N PHE A 322 -24.28 -6.71 2.61
CA PHE A 322 -23.96 -5.30 2.76
C PHE A 322 -22.47 -5.12 3.02
N GLY A 323 -21.94 -3.99 2.55
CA GLY A 323 -20.60 -3.56 2.91
C GLY A 323 -20.61 -2.11 3.36
N THR A 324 -19.69 -1.80 4.28
CA THR A 324 -19.52 -0.47 4.86
C THR A 324 -18.04 -0.17 5.06
N TYR A 325 -17.69 1.12 4.89
CA TYR A 325 -16.36 1.58 5.27
C TYR A 325 -16.52 3.02 5.74
N VAL A 326 -15.90 3.37 6.86
CA VAL A 326 -15.92 4.71 7.43
C VAL A 326 -14.48 5.09 7.80
N VAL A 327 -14.12 6.32 7.53
CA VAL A 327 -12.76 6.78 7.76
C VAL A 327 -12.81 8.26 8.03
N PHE A 328 -11.97 8.73 8.97
CA PHE A 328 -11.91 10.16 9.20
C PHE A 328 -10.52 10.57 9.66
N ILE A 329 -10.20 11.84 9.43
CA ILE A 329 -8.87 12.37 9.64
C ILE A 329 -9.01 13.71 10.37
N PRO A 330 -8.90 13.74 11.70
CA PRO A 330 -9.23 14.98 12.44
C PRO A 330 -8.51 16.23 11.98
N LYS A 331 -7.20 16.15 11.72
CA LYS A 331 -6.44 17.38 11.44
C LYS A 331 -6.68 17.91 10.05
N GLU A 332 -7.23 17.10 9.15
CA GLU A 332 -7.63 17.56 7.83
C GLU A 332 -9.11 17.91 7.78
N ASN A 333 -9.84 17.72 8.89
CA ASN A 333 -11.26 17.97 8.99
C ASN A 333 -12.03 17.31 7.86
N ILE A 334 -11.69 16.04 7.57
CA ILE A 334 -12.25 15.31 6.44
C ILE A 334 -12.61 13.89 6.87
N GLY A 335 -13.69 13.37 6.26
CA GLY A 335 -14.07 11.98 6.44
C GLY A 335 -14.86 11.46 5.25
N LEU A 336 -15.06 10.15 5.24
CA LEU A 336 -15.71 9.50 4.12
C LEU A 336 -16.48 8.28 4.65
N VAL A 337 -17.67 8.07 4.09
CA VAL A 337 -18.52 6.92 4.34
C VAL A 337 -18.86 6.25 3.01
N MET A 338 -18.75 4.93 2.96
CA MET A 338 -19.20 4.08 1.88
C MET A 338 -20.20 3.05 2.40
N LEU A 339 -21.36 2.96 1.76
CA LEU A 339 -22.38 1.95 2.05
C LEU A 339 -22.77 1.27 0.74
N THR A 340 -22.79 -0.04 0.73
CA THR A 340 -23.26 -0.82 -0.41
C THR A 340 -24.21 -1.90 0.07
N ASN A 341 -25.15 -2.27 -0.79
CA ASN A 341 -26.05 -3.40 -0.52
C ASN A 341 -25.57 -4.64 -1.28
N LYS A 342 -24.25 -4.78 -1.35
CA LYS A 342 -23.59 -6.01 -1.71
C LYS A 342 -22.15 -5.93 -1.19
N ARG A 343 -21.66 -7.03 -0.61
CA ARG A 343 -20.28 -7.06 -0.18
C ARG A 343 -19.34 -6.88 -1.37
N ILE A 344 -18.32 -6.07 -1.16
CA ILE A 344 -17.16 -6.00 -2.06
C ILE A 344 -15.90 -6.15 -1.23
N PRO A 345 -14.78 -6.55 -1.84
CA PRO A 345 -13.55 -6.73 -1.06
C PRO A 345 -13.18 -5.50 -0.24
N ASN A 346 -12.79 -5.74 1.01
CA ASN A 346 -12.41 -4.65 1.91
C ASN A 346 -11.28 -3.81 1.32
N GLU A 347 -10.32 -4.46 0.66
CA GLU A 347 -9.19 -3.72 0.11
C GLU A 347 -9.65 -2.71 -0.92
N GLU A 348 -10.68 -3.05 -1.72
CA GLU A 348 -11.19 -2.07 -2.68
C GLU A 348 -11.80 -0.85 -1.98
N ARG A 349 -12.52 -1.08 -0.88
CA ARG A 349 -13.10 0.03 -0.13
C ARG A 349 -12.01 0.96 0.36
N ILE A 350 -10.96 0.38 0.92
CA ILE A 350 -9.87 1.17 1.50
C ILE A 350 -9.12 1.93 0.41
N LYS A 351 -8.77 1.25 -0.68
CA LYS A 351 -8.03 1.91 -1.76
C LYS A 351 -8.84 3.05 -2.37
N ALA A 352 -10.13 2.83 -2.59
CA ALA A 352 -10.95 3.87 -3.21
C ALA A 352 -11.06 5.10 -2.30
N ALA A 353 -11.28 4.89 -1.00
CA ALA A 353 -11.32 5.97 -0.04
C ALA A 353 -9.97 6.69 0.06
N TYR A 354 -8.88 5.94 0.02
CA TYR A 354 -7.55 6.55 0.12
C TYR A 354 -7.29 7.46 -1.07
N ALA A 355 -7.70 7.03 -2.27
CA ALA A 355 -7.50 7.86 -3.46
C ALA A 355 -8.37 9.12 -3.43
N VAL A 356 -9.62 9.01 -2.98
CA VAL A 356 -10.46 10.20 -2.89
C VAL A 356 -9.90 11.18 -1.86
N LEU A 357 -9.62 10.70 -0.65
CA LEU A 357 -9.25 11.61 0.43
C LEU A 357 -7.91 12.28 0.15
N ASN A 358 -6.99 11.57 -0.49
CA ASN A 358 -5.69 12.17 -0.78
C ASN A 358 -5.79 13.19 -1.91
N ALA A 359 -6.75 13.02 -2.82
CA ALA A 359 -6.88 13.92 -3.97
C ALA A 359 -7.66 15.18 -3.64
N ILE A 360 -8.38 15.20 -2.52
CA ILE A 360 -9.27 16.32 -2.23
C ILE A 360 -8.44 17.50 -1.77
N LYS A 361 -8.69 18.66 -2.38
CA LYS A 361 -7.92 19.88 -2.12
C LYS A 361 -8.34 20.53 -0.81
N LYS B 6 38.20 -17.66 1.20
CA LYS B 6 37.69 -16.48 0.51
C LYS B 6 36.28 -16.14 0.98
N ASP B 7 35.44 -17.17 1.14
CA ASP B 7 34.05 -16.93 1.53
C ASP B 7 33.97 -16.11 2.81
N GLN B 8 34.90 -16.34 3.74
CA GLN B 8 34.90 -15.61 5.01
C GLN B 8 35.55 -14.24 4.88
N GLU B 9 36.49 -14.08 3.95
CA GLU B 9 37.10 -12.77 3.73
C GLU B 9 36.09 -11.78 3.19
N ILE B 10 35.35 -12.18 2.15
CA ILE B 10 34.29 -11.32 1.63
C ILE B 10 33.23 -11.08 2.71
N LYS B 11 32.82 -12.13 3.40
CA LYS B 11 31.76 -11.98 4.39
C LYS B 11 32.12 -10.93 5.43
N LYS B 12 33.38 -10.93 5.90
CA LYS B 12 33.79 -9.94 6.89
C LYS B 12 33.73 -8.53 6.30
N LEU B 13 34.18 -8.36 5.06
CA LEU B 13 34.17 -7.04 4.43
C LEU B 13 32.75 -6.52 4.30
N VAL B 14 31.81 -7.37 3.89
CA VAL B 14 30.44 -6.90 3.73
C VAL B 14 29.82 -6.62 5.09
N ASP B 15 30.05 -7.51 6.06
CA ASP B 15 29.62 -7.23 7.43
C ASP B 15 30.18 -5.92 7.91
N GLN B 16 31.46 -5.69 7.65
CA GLN B 16 32.14 -4.50 8.13
C GLN B 16 31.56 -3.22 7.51
N ASN B 17 31.20 -3.29 6.23
CA ASN B 17 30.88 -2.07 5.50
C ASN B 17 29.39 -1.85 5.29
N PHE B 18 28.59 -2.91 5.24
CA PHE B 18 27.15 -2.76 5.00
C PHE B 18 26.30 -2.98 6.23
N LYS B 19 26.64 -3.96 7.07
CA LYS B 19 25.86 -4.22 8.28
C LYS B 19 25.65 -2.98 9.15
N PRO B 20 26.64 -2.10 9.36
CA PRO B 20 26.36 -0.89 10.15
C PRO B 20 25.25 -0.05 9.59
N LEU B 21 25.01 -0.11 8.29
CA LEU B 21 23.99 0.72 7.68
C LEU B 21 22.60 0.34 8.17
N LEU B 22 22.37 -0.93 8.46
CA LEU B 22 21.07 -1.38 8.95
C LEU B 22 20.69 -0.62 10.21
N GLU B 23 21.57 -0.62 11.20
CA GLU B 23 21.27 0.09 12.44
C GLU B 23 21.21 1.58 12.19
N LYS B 24 22.14 2.11 11.39
CA LYS B 24 22.26 3.56 11.24
C LYS B 24 21.01 4.16 10.62
N TYR B 25 20.41 3.46 9.65
CA TYR B 25 19.22 3.97 8.97
C TYR B 25 17.96 3.19 9.32
N ASP B 26 18.02 2.34 10.34
CA ASP B 26 16.85 1.56 10.77
C ASP B 26 16.22 0.81 9.59
N VAL B 27 17.05 0.04 8.88
CA VAL B 27 16.63 -0.69 7.69
C VAL B 27 16.14 -2.08 8.12
N PRO B 28 14.88 -2.43 7.86
CA PRO B 28 14.43 -3.76 8.27
C PRO B 28 15.25 -4.90 7.68
N GLY B 29 15.58 -4.83 6.40
CA GLY B 29 16.13 -5.99 5.72
C GLY B 29 17.07 -5.58 4.60
N MET B 30 18.02 -6.45 4.29
CA MET B 30 19.07 -6.14 3.33
C MET B 30 19.63 -7.42 2.76
N ALA B 31 19.98 -7.40 1.47
CA ALA B 31 20.70 -8.49 0.80
C ALA B 31 21.87 -7.85 0.09
N VAL B 32 23.08 -8.32 0.38
CA VAL B 32 24.27 -7.86 -0.31
C VAL B 32 24.98 -9.05 -0.90
N GLY B 33 25.30 -8.97 -2.18
CA GLY B 33 25.97 -10.04 -2.88
C GLY B 33 27.21 -9.54 -3.60
N VAL B 34 28.21 -10.43 -3.64
CA VAL B 34 29.43 -10.19 -4.39
C VAL B 34 29.60 -11.35 -5.34
N ILE B 35 29.98 -11.06 -6.58
CA ILE B 35 30.41 -12.08 -7.52
C ILE B 35 31.86 -11.80 -7.87
N GLN B 36 32.70 -12.82 -7.80
CA GLN B 36 34.10 -12.71 -8.16
C GLN B 36 34.52 -14.03 -8.80
N ASN B 37 34.97 -13.96 -10.06
CA ASN B 37 35.52 -15.11 -10.77
C ASN B 37 34.55 -16.28 -10.76
N ASN B 38 33.29 -15.99 -11.08
CA ASN B 38 32.19 -16.95 -11.19
C ASN B 38 31.70 -17.41 -9.82
N LYS B 39 32.32 -16.99 -8.73
CA LYS B 39 31.89 -17.39 -7.39
C LYS B 39 30.97 -16.31 -6.80
N LYS B 40 29.82 -16.74 -6.29
CA LYS B 40 28.85 -15.85 -5.68
C LYS B 40 28.95 -15.91 -4.16
N TYR B 41 28.77 -14.76 -3.52
CA TYR B 41 28.78 -14.64 -2.07
C TYR B 41 27.56 -13.84 -1.66
N GLU B 42 26.63 -14.46 -0.96
CA GLU B 42 25.36 -13.84 -0.61
C GLU B 42 25.25 -13.66 0.89
N MET B 43 24.95 -12.44 1.32
CA MET B 43 24.75 -12.09 2.72
C MET B 43 23.35 -11.52 2.90
N TYR B 44 22.63 -12.04 3.89
CA TYR B 44 21.24 -11.65 4.13
C TYR B 44 21.08 -11.19 5.57
N TYR B 45 20.40 -10.06 5.75
CA TYR B 45 20.21 -9.47 7.07
C TYR B 45 18.76 -9.06 7.28
N GLY B 46 18.26 -9.32 8.49
CA GLY B 46 17.02 -8.71 8.93
C GLY B 46 15.80 -9.35 8.29
N LEU B 47 14.76 -8.52 8.12
CA LEU B 47 13.43 -8.99 7.77
C LEU B 47 12.94 -8.44 6.44
N GLN B 48 12.35 -9.36 5.69
CA GLN B 48 11.64 -9.09 4.42
C GLN B 48 10.32 -8.41 4.69
N SER B 49 9.62 -8.85 5.73
CA SER B 49 8.37 -8.26 6.16
C SER B 49 8.33 -8.23 7.68
N VAL B 50 8.03 -7.06 8.24
CA VAL B 50 7.89 -6.96 9.69
C VAL B 50 6.61 -7.65 10.14
N GLN B 51 5.48 -7.32 9.50
CA GLN B 51 4.22 -7.91 9.92
C GLN B 51 4.28 -9.43 9.93
N ASP B 52 4.82 -10.00 8.85
CA ASP B 52 4.83 -11.45 8.70
C ASP B 52 6.06 -12.12 9.27
N LYS B 53 6.91 -11.36 9.95
CA LYS B 53 8.09 -11.87 10.67
C LYS B 53 8.90 -12.84 9.80
N LYS B 54 9.23 -12.37 8.58
CA LYS B 54 9.95 -13.16 7.59
C LYS B 54 11.37 -12.62 7.44
N ALA B 55 12.35 -13.49 7.64
CA ALA B 55 13.76 -13.12 7.45
C ALA B 55 14.04 -12.96 5.96
N VAL B 56 14.89 -11.97 5.63
CA VAL B 56 15.46 -11.87 4.29
C VAL B 56 16.23 -13.15 3.96
N ASN B 57 16.03 -13.66 2.76
CA ASN B 57 16.69 -14.88 2.33
C ASN B 57 16.87 -14.85 0.81
N SER B 58 17.40 -15.95 0.27
CA SER B 58 17.71 -15.98 -1.15
C SER B 58 16.48 -15.94 -2.04
N SER B 59 15.29 -16.18 -1.49
CA SER B 59 14.05 -16.04 -2.26
C SER B 59 13.43 -14.65 -2.18
N THR B 60 13.97 -13.76 -1.36
CA THR B 60 13.32 -12.48 -1.11
C THR B 60 13.33 -11.64 -2.38
N ILE B 61 12.18 -11.12 -2.77
CA ILE B 61 12.05 -10.27 -3.95
C ILE B 61 11.99 -8.80 -3.51
N PHE B 62 12.86 -8.00 -4.10
CA PHE B 62 12.97 -6.56 -3.83
C PHE B 62 12.53 -5.74 -5.05
N GLU B 63 12.03 -4.52 -4.83
CA GLU B 63 11.83 -3.60 -5.93
C GLU B 63 13.16 -2.90 -6.27
N LEU B 64 13.47 -2.86 -7.56
CA LEU B 64 14.76 -2.35 -8.04
C LEU B 64 14.77 -0.87 -8.39
N GLY B 65 13.61 -0.23 -8.46
CA GLY B 65 13.61 1.18 -8.83
C GLY B 65 14.25 1.39 -10.19
N SER B 66 15.08 2.45 -10.28
CA SER B 66 15.66 2.79 -11.58
C SER B 66 16.63 1.76 -12.09
N VAL B 67 17.08 0.80 -11.25
CA VAL B 67 17.91 -0.28 -11.76
C VAL B 67 17.11 -1.12 -12.76
N SER B 68 15.78 -1.03 -12.71
CA SER B 68 14.93 -1.58 -13.75
C SER B 68 15.36 -1.12 -15.15
N LYS B 69 15.88 0.10 -15.26
CA LYS B 69 16.23 0.63 -16.57
C LYS B 69 17.32 -0.19 -17.23
N LEU B 70 18.12 -0.92 -16.44
CA LEU B 70 19.14 -1.78 -17.03
C LEU B 70 18.52 -2.91 -17.81
N PHE B 71 17.37 -3.42 -17.35
CA PHE B 71 16.68 -4.47 -18.08
C PHE B 71 15.97 -3.89 -19.32
N THR B 72 15.46 -2.66 -19.22
CA THR B 72 14.91 -1.97 -20.38
C THR B 72 15.99 -1.75 -21.43
N ALA B 73 17.18 -1.34 -20.98
CA ALA B 73 18.33 -1.17 -21.87
C ALA B 73 18.69 -2.48 -22.56
N THR B 74 18.73 -3.57 -21.78
CA THR B 74 19.06 -4.88 -22.33
C THR B 74 18.02 -5.32 -23.35
N ALA B 75 16.74 -5.04 -23.10
CA ALA B 75 15.70 -5.36 -24.07
C ALA B 75 15.87 -4.55 -25.35
N GLY B 76 16.18 -3.25 -25.23
CA GLY B 76 16.48 -2.46 -26.41
C GLY B 76 17.65 -3.02 -27.21
N GLY B 77 18.73 -3.39 -26.52
CA GLY B 77 19.88 -3.91 -27.22
C GLY B 77 19.59 -5.25 -27.85
N TYR B 78 18.63 -5.97 -27.28
CA TYR B 78 18.19 -7.22 -27.88
C TYR B 78 17.37 -6.94 -29.12
N ALA B 79 16.44 -5.98 -29.03
CA ALA B 79 15.58 -5.68 -30.16
C ALA B 79 16.40 -5.10 -31.31
N LYS B 80 17.35 -4.22 -30.98
CA LYS B 80 18.18 -3.62 -32.03
C LYS B 80 18.95 -4.68 -32.76
N ASN B 81 19.62 -5.57 -32.02
CA ASN B 81 20.53 -6.52 -32.64
C ASN B 81 19.82 -7.70 -33.29
N LYS B 82 18.51 -7.82 -33.13
CA LYS B 82 17.69 -8.70 -33.95
C LYS B 82 17.13 -7.98 -35.15
N GLY B 83 17.37 -6.68 -35.29
CA GLY B 83 16.81 -5.91 -36.39
C GLY B 83 15.38 -5.54 -36.24
N LYS B 84 14.84 -5.57 -35.01
CA LYS B 84 13.47 -5.13 -34.79
C LYS B 84 13.39 -3.62 -34.66
N ILE B 85 14.48 -2.98 -34.20
CA ILE B 85 14.58 -1.52 -34.18
C ILE B 85 15.97 -1.14 -34.68
N SER B 86 16.09 0.12 -35.09
CA SER B 86 17.39 0.77 -35.17
C SER B 86 17.38 1.93 -34.17
N PHE B 87 18.51 2.20 -33.56
CA PHE B 87 18.59 3.32 -32.64
C PHE B 87 18.46 4.66 -33.35
N ASP B 88 18.56 4.70 -34.68
CA ASP B 88 18.33 5.91 -35.45
C ASP B 88 16.88 6.08 -35.84
N ASP B 89 16.03 5.10 -35.52
CA ASP B 89 14.60 5.22 -35.76
C ASP B 89 13.99 6.24 -34.82
N THR B 90 12.77 6.61 -35.11
CA THR B 90 12.01 7.53 -34.27
C THR B 90 10.77 6.84 -33.74
N PRO B 91 10.22 7.29 -32.62
CA PRO B 91 9.09 6.56 -32.00
C PRO B 91 7.88 6.42 -32.90
N GLY B 92 7.59 7.42 -33.73
CA GLY B 92 6.42 7.34 -34.62
C GLY B 92 6.45 6.16 -35.57
N LYS B 93 7.64 5.63 -35.85
CA LYS B 93 7.75 4.46 -36.71
C LYS B 93 7.09 3.23 -36.08
N TYR B 94 6.81 3.26 -34.79
CA TYR B 94 6.28 2.10 -34.08
C TYR B 94 4.97 2.42 -33.35
N TRP B 95 4.89 3.58 -32.73
CA TRP B 95 3.66 4.09 -32.13
C TRP B 95 3.10 5.05 -33.16
N LYS B 96 2.27 4.52 -34.07
CA LYS B 96 1.90 5.25 -35.27
C LYS B 96 1.23 6.57 -34.93
N GLU B 97 0.54 6.66 -33.80
CA GLU B 97 -0.14 7.88 -33.41
C GLU B 97 0.84 9.03 -33.14
N LEU B 98 2.14 8.77 -33.22
CA LEU B 98 3.15 9.81 -33.07
C LEU B 98 3.88 10.11 -34.38
N LYS B 99 3.48 9.48 -35.48
CA LYS B 99 4.11 9.76 -36.77
C LYS B 99 3.93 11.22 -37.12
N ASN B 100 5.04 11.87 -37.47
CA ASN B 100 5.06 13.27 -37.89
C ASN B 100 4.60 14.21 -36.77
N THR B 101 4.84 13.83 -35.55
CA THR B 101 4.76 14.78 -34.44
C THR B 101 6.16 15.30 -34.13
N PRO B 102 6.27 16.40 -33.39
CA PRO B 102 7.62 16.88 -33.03
C PRO B 102 8.44 15.83 -32.28
N ILE B 103 7.83 15.02 -31.41
CA ILE B 103 8.61 14.01 -30.70
C ILE B 103 9.19 13.01 -31.68
N ASP B 104 8.55 12.83 -32.84
CA ASP B 104 9.06 11.95 -33.87
C ASP B 104 10.37 12.44 -34.47
N GLN B 105 10.88 13.60 -34.06
CA GLN B 105 12.21 14.06 -34.45
C GLN B 105 13.30 13.57 -33.50
N VAL B 106 12.91 12.98 -32.36
CA VAL B 106 13.86 12.42 -31.41
C VAL B 106 14.07 10.96 -31.74
N ASN B 107 15.31 10.52 -31.80
CA ASN B 107 15.53 9.11 -32.13
C ASN B 107 15.57 8.25 -30.86
N LEU B 108 15.64 6.94 -31.05
CA LEU B 108 15.43 6.05 -29.90
C LEU B 108 16.61 6.10 -28.94
N LEU B 109 17.85 6.23 -29.46
CA LEU B 109 19.00 6.35 -28.60
C LEU B 109 18.91 7.60 -27.73
N GLN B 110 18.41 8.68 -28.30
CA GLN B 110 18.25 9.93 -27.55
C GLN B 110 17.21 9.76 -26.45
N LEU B 111 16.14 9.04 -26.74
CA LEU B 111 15.15 8.78 -25.71
C LEU B 111 15.73 7.92 -24.60
N ALA B 112 16.47 6.86 -24.97
CA ALA B 112 17.05 5.94 -24.02
C ALA B 112 18.15 6.58 -23.18
N THR B 113 18.77 7.65 -23.68
CA THR B 113 19.86 8.30 -22.99
C THR B 113 19.51 9.74 -22.60
N TYR B 114 18.23 10.08 -22.62
CA TYR B 114 17.69 11.22 -21.90
C TYR B 114 18.10 12.53 -22.54
N THR B 115 18.25 12.58 -23.86
CA THR B 115 18.70 13.82 -24.50
C THR B 115 17.66 14.44 -25.43
N SER B 116 16.37 14.18 -25.19
CA SER B 116 15.35 14.75 -26.06
C SER B 116 15.28 16.27 -25.98
N GLY B 117 15.73 16.87 -24.88
CA GLY B 117 15.73 18.30 -24.70
C GLY B 117 14.53 18.87 -23.98
N ASN B 118 13.48 18.08 -23.77
CA ASN B 118 12.29 18.58 -23.08
C ASN B 118 11.49 17.46 -22.42
N LEU B 119 12.16 16.61 -21.65
CA LEU B 119 11.48 15.59 -20.84
C LEU B 119 12.11 15.59 -19.45
N ALA B 120 11.29 15.78 -18.42
CA ALA B 120 11.77 15.92 -17.07
C ALA B 120 11.83 14.56 -16.38
N LEU B 121 12.21 14.58 -15.10
CA LEU B 121 12.36 13.34 -14.34
C LEU B 121 11.07 12.52 -14.36
N GLN B 122 9.92 13.15 -14.13
CA GLN B 122 8.65 12.44 -14.14
C GLN B 122 7.68 13.10 -15.10
N PHE B 123 6.65 12.34 -15.46
CA PHE B 123 5.52 12.93 -16.13
C PHE B 123 4.93 14.04 -15.25
N PRO B 124 4.21 14.98 -15.86
CA PRO B 124 3.41 15.89 -15.05
C PRO B 124 2.45 15.11 -14.16
N ASP B 125 2.03 15.74 -13.07
CA ASP B 125 1.04 15.10 -12.21
C ASP B 125 -0.25 14.82 -12.99
N GLU B 126 -0.56 15.67 -13.97
CA GLU B 126 -1.79 15.49 -14.75
C GLU B 126 -1.80 14.17 -15.50
N VAL B 127 -0.65 13.72 -15.99
CA VAL B 127 -0.58 12.50 -16.80
C VAL B 127 -0.74 11.28 -15.92
N LYS B 128 -1.44 10.26 -16.42
CA LYS B 128 -1.67 9.05 -15.63
C LYS B 128 -2.24 7.89 -16.44
N THR B 129 -3.18 8.15 -17.34
CA THR B 129 -3.71 7.07 -18.17
C THR B 129 -2.98 7.02 -19.52
N ASP B 130 -3.31 6.00 -20.30
CA ASP B 130 -2.60 5.78 -21.56
C ASP B 130 -2.99 6.78 -22.62
N GLN B 131 -4.23 7.29 -22.60
CA GLN B 131 -4.61 8.35 -23.51
C GLN B 131 -3.96 9.68 -23.11
N GLN B 132 -3.75 9.89 -21.80
CA GLN B 132 -3.05 11.08 -21.36
C GLN B 132 -1.56 11.02 -21.68
N VAL B 133 -0.99 9.82 -21.69
CA VAL B 133 0.42 9.70 -22.07
C VAL B 133 0.57 9.90 -23.56
N LEU B 134 -0.32 9.29 -24.35
CA LEU B 134 -0.33 9.54 -25.78
C LEU B 134 -0.52 11.02 -26.09
N THR B 135 -1.49 11.64 -25.41
CA THR B 135 -1.74 13.06 -25.68
C THR B 135 -0.57 13.92 -25.22
N PHE B 136 0.10 13.52 -24.14
CA PHE B 136 1.31 14.24 -23.69
C PHE B 136 2.36 14.23 -24.78
N PHE B 137 2.65 13.06 -25.34
CA PHE B 137 3.69 12.95 -26.36
C PHE B 137 3.26 13.57 -27.69
N LYS B 138 1.97 13.50 -28.01
CA LYS B 138 1.47 14.18 -29.21
C LYS B 138 1.65 15.68 -29.09
N ASP B 139 1.28 16.26 -27.95
CA ASP B 139 1.39 17.69 -27.71
C ASP B 139 2.82 18.16 -27.46
N TRP B 140 3.75 17.24 -27.25
CA TRP B 140 5.13 17.59 -26.92
C TRP B 140 5.75 18.46 -28.01
N LYS B 141 6.51 19.46 -27.57
CA LYS B 141 7.27 20.36 -28.42
C LYS B 141 8.70 20.45 -27.90
N PRO B 142 9.67 20.60 -28.78
CA PRO B 142 11.07 20.66 -28.33
C PRO B 142 11.35 21.93 -27.57
N LYS B 143 12.37 21.86 -26.71
CA LYS B 143 12.89 23.03 -26.01
C LYS B 143 14.39 23.14 -26.23
N ASN B 144 15.17 22.41 -25.44
CA ASN B 144 16.60 22.42 -25.65
C ASN B 144 16.92 21.63 -26.92
N SER B 145 17.98 22.06 -27.60
CA SER B 145 18.36 21.41 -28.87
C SER B 145 18.46 19.89 -28.68
N ILE B 146 17.78 19.15 -29.55
CA ILE B 146 17.68 17.70 -29.39
C ILE B 146 19.07 17.08 -29.44
N GLY B 147 19.33 16.15 -28.52
CA GLY B 147 20.59 15.45 -28.43
C GLY B 147 21.69 16.15 -27.69
N GLU B 148 21.52 17.43 -27.32
CA GLU B 148 22.64 18.14 -26.71
C GLU B 148 22.62 18.16 -25.20
N TYR B 149 21.47 17.96 -24.56
CA TYR B 149 21.36 18.08 -23.12
C TYR B 149 20.75 16.82 -22.51
N ARG B 150 21.46 16.24 -21.57
CA ARG B 150 20.96 15.12 -20.76
C ARG B 150 20.10 15.67 -19.62
N GLN B 151 18.86 15.23 -19.55
CA GLN B 151 18.02 15.40 -18.37
C GLN B 151 17.47 14.04 -18.01
N TYR B 152 17.97 13.45 -16.92
CA TYR B 152 17.46 12.15 -16.46
C TYR B 152 15.93 12.17 -16.40
N SER B 153 15.31 11.20 -17.08
CA SER B 153 13.86 11.26 -17.34
C SER B 153 13.29 9.86 -17.45
N ASN B 154 12.29 9.59 -16.62
CA ASN B 154 11.52 8.38 -16.69
C ASN B 154 10.59 8.37 -17.91
N PRO B 155 9.94 9.47 -18.23
CA PRO B 155 9.15 9.52 -19.46
C PRO B 155 9.96 9.19 -20.69
N SER B 156 11.21 9.67 -20.73
CA SER B 156 12.06 9.46 -21.90
C SER B 156 12.36 7.98 -22.11
N ILE B 157 12.90 7.31 -21.10
CA ILE B 157 13.20 5.89 -21.28
C ILE B 157 11.94 5.02 -21.23
N GLY B 158 10.85 5.53 -20.62
CA GLY B 158 9.60 4.81 -20.71
C GLY B 158 9.06 4.76 -22.13
N LEU B 159 9.17 5.86 -22.86
CA LEU B 159 8.79 5.85 -24.28
C LEU B 159 9.69 4.93 -25.08
N PHE B 160 10.98 4.93 -24.76
CA PHE B 160 11.90 4.00 -25.40
C PHE B 160 11.46 2.56 -25.17
N GLY B 161 11.12 2.22 -23.93
CA GLY B 161 10.68 0.88 -23.62
C GLY B 161 9.40 0.51 -24.35
N LYS B 162 8.45 1.43 -24.39
CA LYS B 162 7.21 1.17 -25.10
C LYS B 162 7.48 0.87 -26.56
N VAL B 163 8.38 1.63 -27.17
CA VAL B 163 8.68 1.42 -28.58
C VAL B 163 9.35 0.07 -28.77
N VAL B 164 10.28 -0.28 -27.88
CA VAL B 164 10.95 -1.58 -27.98
C VAL B 164 9.92 -2.71 -27.95
N ALA B 165 8.98 -2.63 -27.01
CA ALA B 165 7.93 -3.64 -26.94
C ALA B 165 7.09 -3.67 -28.21
N LEU B 166 6.59 -2.49 -28.64
CA LEU B 166 5.82 -2.43 -29.88
C LEU B 166 6.57 -3.12 -31.02
N SER B 167 7.89 -2.93 -31.07
CA SER B 167 8.70 -3.51 -32.12
C SER B 167 8.82 -5.01 -32.01
N MET B 168 8.40 -5.58 -30.89
CA MET B 168 8.41 -7.03 -30.71
C MET B 168 7.01 -7.60 -30.62
N ASN B 169 6.00 -6.77 -30.85
CA ASN B 169 4.59 -7.21 -30.90
C ASN B 169 4.18 -7.90 -29.60
N LYS B 170 4.67 -7.39 -28.48
CA LYS B 170 4.36 -7.94 -27.18
C LYS B 170 4.33 -6.81 -26.18
N PRO B 171 3.52 -6.90 -25.12
CA PRO B 171 3.60 -5.90 -24.06
C PRO B 171 4.97 -5.96 -23.40
N PHE B 172 5.39 -4.82 -22.83
CA PHE B 172 6.71 -4.73 -22.22
C PHE B 172 6.94 -5.82 -21.19
N ASP B 173 5.96 -6.05 -20.30
CA ASP B 173 6.15 -7.07 -19.28
C ASP B 173 6.45 -8.43 -19.89
N GLN B 174 5.82 -8.74 -21.03
CA GLN B 174 6.10 -9.97 -21.73
C GLN B 174 7.50 -9.96 -22.33
N VAL B 175 7.94 -8.82 -22.86
CA VAL B 175 9.31 -8.77 -23.39
C VAL B 175 10.30 -9.21 -22.32
N LEU B 176 10.14 -8.69 -21.09
CA LEU B 176 11.10 -9.08 -20.05
C LEU B 176 10.86 -10.50 -19.54
N GLU B 177 9.60 -10.85 -19.26
CA GLU B 177 9.33 -12.10 -18.56
C GLU B 177 9.39 -13.31 -19.47
N LYS B 178 9.14 -13.13 -20.77
CA LYS B 178 9.16 -14.26 -21.69
C LYS B 178 10.43 -14.35 -22.52
N THR B 179 11.14 -13.23 -22.72
CA THR B 179 12.32 -13.23 -23.58
C THR B 179 13.60 -12.86 -22.85
N ILE B 180 13.66 -11.69 -22.20
CA ILE B 180 14.93 -11.23 -21.67
C ILE B 180 15.33 -11.99 -20.42
N PHE B 181 14.45 -12.02 -19.41
CA PHE B 181 14.76 -12.76 -18.20
C PHE B 181 15.11 -14.22 -18.52
N PRO B 182 14.33 -14.95 -19.32
CA PRO B 182 14.74 -16.33 -19.67
C PRO B 182 16.10 -16.39 -20.36
N ALA B 183 16.36 -15.47 -21.30
CA ALA B 183 17.67 -15.48 -21.98
C ALA B 183 18.81 -15.24 -21.00
N LEU B 184 18.57 -14.47 -19.94
CA LEU B 184 19.59 -14.26 -18.92
C LEU B 184 19.59 -15.38 -17.87
N GLY B 185 18.65 -16.30 -17.94
CA GLY B 185 18.58 -17.39 -16.97
C GLY B 185 18.08 -16.95 -15.61
N LEU B 186 17.28 -15.88 -15.56
CA LEU B 186 16.72 -15.41 -14.30
C LEU B 186 15.37 -16.07 -14.09
N LYS B 187 15.17 -16.66 -12.92
CA LYS B 187 13.95 -17.40 -12.62
C LYS B 187 13.01 -16.68 -11.66
N HIS B 188 13.47 -15.63 -10.99
CA HIS B 188 12.68 -14.97 -9.96
C HIS B 188 12.76 -13.46 -10.11
N SER B 189 12.71 -13.00 -11.35
CA SER B 189 12.66 -11.59 -11.69
C SER B 189 11.35 -11.32 -12.42
N TYR B 190 10.70 -10.20 -12.07
CA TYR B 190 9.34 -9.96 -12.52
C TYR B 190 9.11 -8.49 -12.81
N VAL B 191 8.21 -8.24 -13.76
CA VAL B 191 7.50 -6.97 -13.80
C VAL B 191 6.25 -7.04 -12.94
N ASN B 192 5.55 -8.18 -12.96
CA ASN B 192 4.36 -8.42 -12.15
C ASN B 192 4.64 -9.66 -11.32
N VAL B 193 4.68 -9.49 -10.01
CA VAL B 193 5.02 -10.61 -9.14
C VAL B 193 3.83 -11.56 -9.09
N PRO B 194 4.00 -12.83 -9.42
CA PRO B 194 2.84 -13.73 -9.46
C PRO B 194 2.34 -14.07 -8.06
N LYS B 195 1.06 -14.44 -7.99
CA LYS B 195 0.45 -14.79 -6.71
C LYS B 195 1.27 -15.82 -5.97
N THR B 196 1.85 -16.79 -6.69
CA THR B 196 2.62 -17.84 -6.04
C THR B 196 3.93 -17.32 -5.43
N GLN B 197 4.35 -16.10 -5.75
CA GLN B 197 5.57 -15.53 -5.19
C GLN B 197 5.31 -14.41 -4.19
N MET B 198 4.05 -14.08 -3.89
CA MET B 198 3.80 -12.98 -2.98
C MET B 198 4.39 -13.22 -1.60
N GLN B 199 4.50 -14.49 -1.16
CA GLN B 199 5.08 -14.77 0.14
C GLN B 199 6.56 -14.44 0.20
N ASN B 200 7.20 -14.21 -0.95
CA ASN B 200 8.62 -13.90 -1.04
C ASN B 200 8.86 -12.44 -1.35
N TYR B 201 7.82 -11.68 -1.56
CA TYR B 201 7.90 -10.30 -2.01
C TYR B 201 8.05 -9.40 -0.80
N ALA B 202 9.22 -8.78 -0.66
CA ALA B 202 9.45 -7.91 0.48
C ALA B 202 8.50 -6.73 0.46
N PHE B 203 8.14 -6.26 1.62
CA PHE B 203 7.54 -4.94 1.76
C PHE B 203 8.66 -3.91 1.84
N GLY B 204 8.44 -2.76 1.20
CA GLY B 204 9.29 -1.64 1.44
C GLY B 204 8.85 -0.90 2.68
N TYR B 205 9.73 -0.06 3.22
CA TYR B 205 9.44 0.66 4.45
C TYR B 205 9.85 2.12 4.25
N ASN B 206 8.97 3.02 4.62
CA ASN B 206 9.23 4.46 4.47
C ASN B 206 10.03 4.91 5.70
N GLN B 207 10.27 6.23 5.81
CA GLN B 207 11.15 6.68 6.88
C GLN B 207 10.51 6.58 8.25
N GLU B 208 9.17 6.55 8.32
CA GLU B 208 8.43 6.24 9.53
C GLU B 208 8.33 4.74 9.81
N ASN B 209 8.99 3.92 8.98
CA ASN B 209 8.90 2.47 9.01
C ASN B 209 7.48 1.96 8.88
N GLN B 210 6.69 2.65 8.09
CA GLN B 210 5.43 2.09 7.62
C GLN B 210 5.66 1.29 6.35
N PRO B 211 4.98 0.16 6.18
CA PRO B 211 5.14 -0.61 4.95
C PRO B 211 4.60 0.17 3.75
N ILE B 212 5.21 -0.08 2.58
CA ILE B 212 4.81 0.64 1.38
C ILE B 212 5.08 -0.21 0.16
N ARG B 213 4.13 -0.22 -0.76
CA ARG B 213 4.21 -1.04 -1.97
C ARG B 213 3.40 -0.40 -3.08
N VAL B 214 3.89 -0.60 -4.31
CA VAL B 214 3.22 -0.18 -5.56
C VAL B 214 3.63 1.25 -5.93
N LEU B 219 1.00 2.46 -16.80
CA LEU B 219 1.80 1.23 -16.90
C LEU B 219 3.00 1.43 -17.81
N ASP B 220 3.04 2.59 -18.49
CA ASP B 220 4.15 2.91 -19.39
C ASP B 220 5.43 3.26 -18.63
N ALA B 221 5.43 3.18 -17.29
CA ALA B 221 6.61 3.47 -16.49
C ALA B 221 7.29 2.23 -15.93
N ALA B 222 6.73 1.04 -16.12
CA ALA B 222 7.45 -0.18 -15.81
C ALA B 222 8.86 -0.20 -16.40
N PRO B 223 9.10 0.31 -17.62
CA PRO B 223 10.50 0.37 -18.12
C PRO B 223 11.42 1.22 -17.27
N ALA B 224 10.91 2.26 -16.62
CA ALA B 224 11.75 3.17 -15.85
C ALA B 224 11.99 2.70 -14.41
N TYR B 225 11.02 2.02 -13.78
CA TYR B 225 11.22 1.63 -12.38
C TYR B 225 10.35 0.46 -11.93
N GLY B 226 9.97 -0.44 -12.84
CA GLY B 226 9.00 -1.46 -12.50
C GLY B 226 9.42 -2.90 -12.35
N VAL B 227 10.72 -3.18 -12.19
CA VAL B 227 11.19 -4.55 -12.11
C VAL B 227 11.47 -4.92 -10.65
N LYS B 228 11.25 -6.19 -10.33
CA LYS B 228 11.46 -6.77 -9.01
C LYS B 228 12.34 -8.02 -9.17
N SER B 229 13.30 -8.23 -8.26
CA SER B 229 14.23 -9.35 -8.39
C SER B 229 14.80 -9.79 -7.04
N THR B 230 15.45 -10.95 -7.06
CA THR B 230 16.11 -11.50 -5.88
C THR B 230 17.61 -11.22 -5.92
N LEU B 231 18.28 -11.41 -4.78
CA LEU B 231 19.73 -11.25 -4.79
C LEU B 231 20.38 -12.26 -5.73
N PRO B 232 20.01 -13.55 -5.72
CA PRO B 232 20.64 -14.48 -6.66
C PRO B 232 20.43 -14.13 -8.11
N ASP B 233 19.24 -13.68 -8.48
CA ASP B 233 18.99 -13.27 -9.85
C ASP B 233 19.86 -12.06 -10.21
N MET B 234 19.99 -11.09 -9.30
CA MET B 234 20.75 -9.89 -9.64
C MET B 234 22.24 -10.21 -9.77
N LEU B 235 22.75 -11.14 -8.96
CA LEU B 235 24.14 -11.55 -9.10
C LEU B 235 24.35 -12.25 -10.44
N SER B 236 23.38 -13.07 -10.85
CA SER B 236 23.47 -13.70 -12.16
C SER B 236 23.42 -12.66 -13.27
N PHE B 237 22.65 -11.58 -13.09
CA PHE B 237 22.64 -10.49 -14.05
C PHE B 237 24.00 -9.81 -14.13
N ILE B 238 24.62 -9.56 -12.97
CA ILE B 238 25.97 -9.00 -12.98
C ILE B 238 26.95 -9.97 -13.63
N HIS B 239 26.77 -11.27 -13.38
CA HIS B 239 27.64 -12.26 -14.02
C HIS B 239 27.51 -12.18 -15.53
N ALA B 240 26.28 -12.04 -16.04
CA ALA B 240 26.09 -11.89 -17.48
C ALA B 240 26.82 -10.65 -17.99
N ASN B 241 26.74 -9.54 -17.25
CA ASN B 241 27.41 -8.32 -17.68
C ASN B 241 28.93 -8.45 -17.57
N LEU B 242 29.43 -9.27 -16.65
CA LEU B 242 30.87 -9.47 -16.57
C LEU B 242 31.37 -10.42 -17.64
N ASN B 243 30.55 -11.38 -18.06
CA ASN B 243 30.97 -12.44 -18.99
C ASN B 243 29.93 -12.65 -20.08
N PRO B 244 29.66 -11.64 -20.89
CA PRO B 244 28.62 -11.78 -21.92
C PRO B 244 28.95 -12.84 -22.95
N GLN B 245 30.25 -13.11 -23.15
CA GLN B 245 30.69 -14.09 -24.15
C GLN B 245 30.23 -15.51 -23.82
N LYS B 246 29.88 -15.77 -22.57
CA LYS B 246 29.41 -17.08 -22.13
C LYS B 246 27.91 -17.27 -22.36
N TYR B 247 27.27 -16.38 -23.12
CA TYR B 247 25.84 -16.44 -23.36
C TYR B 247 25.54 -16.53 -24.84
N PRO B 248 24.38 -17.08 -25.21
CA PRO B 248 24.00 -17.10 -26.61
C PRO B 248 24.02 -15.72 -27.22
N ALA B 249 24.33 -15.68 -28.52
CA ALA B 249 24.65 -14.43 -29.19
C ALA B 249 23.57 -13.38 -29.02
N ASP B 250 22.29 -13.76 -29.18
CA ASP B 250 21.20 -12.79 -29.12
C ASP B 250 21.25 -11.98 -27.83
N ILE B 251 21.42 -12.65 -26.68
CA ILE B 251 21.46 -11.92 -25.42
C ILE B 251 22.87 -11.38 -25.17
N GLN B 252 23.90 -12.07 -25.63
CA GLN B 252 25.25 -11.53 -25.54
C GLN B 252 25.37 -10.18 -26.24
N ARG B 253 24.79 -10.06 -27.44
CA ARG B 253 24.86 -8.79 -28.16
C ARG B 253 24.08 -7.71 -27.43
N ALA B 254 22.90 -8.06 -26.90
CA ALA B 254 22.10 -7.12 -26.13
C ALA B 254 22.89 -6.57 -24.95
N ILE B 255 23.55 -7.45 -24.18
CA ILE B 255 24.35 -7.02 -23.04
C ILE B 255 25.45 -6.08 -23.49
N ASN B 256 26.20 -6.47 -24.51
CA ASN B 256 27.29 -5.61 -24.99
C ASN B 256 26.77 -4.26 -25.45
N GLU B 257 25.58 -4.20 -26.03
CA GLU B 257 25.03 -2.93 -26.47
C GLU B 257 24.85 -1.97 -25.28
N THR B 258 24.52 -2.51 -24.10
CA THR B 258 24.34 -1.68 -22.91
C THR B 258 25.65 -1.18 -22.31
N HIS B 259 26.81 -1.64 -22.81
CA HIS B 259 28.09 -1.27 -22.26
C HIS B 259 28.77 -0.15 -23.04
N GLN B 260 28.25 0.20 -24.19
CA GLN B 260 28.87 1.21 -25.03
C GLN B 260 28.48 2.61 -24.54
N GLY B 261 29.47 3.37 -24.09
CA GLY B 261 29.22 4.77 -23.77
C GLY B 261 28.76 5.51 -25.01
N ARG B 262 27.78 6.41 -24.82
CA ARG B 262 27.13 7.09 -25.93
C ARG B 262 27.46 8.58 -25.99
N TYR B 263 27.86 9.16 -24.88
CA TYR B 263 28.34 10.54 -24.77
C TYR B 263 28.94 10.65 -23.38
N GLN B 264 29.49 11.82 -23.07
CA GLN B 264 30.14 12.07 -21.79
C GLN B 264 29.52 13.29 -21.11
N VAL B 265 29.46 13.25 -19.78
CA VAL B 265 29.14 14.43 -18.95
C VAL B 265 30.13 14.43 -17.79
N ASN B 266 31.10 15.33 -17.84
CA ASN B 266 32.19 15.38 -16.83
C ASN B 266 32.86 14.00 -16.86
N THR B 267 32.98 13.31 -15.73
CA THR B 267 33.66 12.03 -15.65
C THR B 267 32.74 10.86 -15.90
N MET B 268 31.47 11.11 -16.16
CA MET B 268 30.51 10.04 -16.43
C MET B 268 30.31 9.85 -17.91
N TYR B 269 30.28 8.60 -18.34
CA TYR B 269 29.85 8.26 -19.68
C TYR B 269 28.47 7.61 -19.58
N GLN B 270 27.51 8.09 -20.38
CA GLN B 270 26.16 7.54 -20.40
C GLN B 270 26.15 6.36 -21.35
N ALA B 271 26.06 5.15 -20.81
CA ALA B 271 25.79 3.96 -21.60
C ALA B 271 24.28 3.77 -21.68
N LEU B 272 23.83 2.65 -22.24
CA LEU B 272 22.40 2.35 -22.23
C LEU B 272 22.04 1.80 -20.86
N GLY B 273 21.33 2.58 -20.07
CA GLY B 273 20.99 2.19 -18.72
C GLY B 273 22.15 2.41 -17.76
N TRP B 274 23.24 1.73 -18.03
CA TRP B 274 24.39 1.82 -17.16
C TRP B 274 25.05 3.20 -17.24
N GLU B 275 25.54 3.65 -16.11
CA GLU B 275 26.52 4.73 -16.03
C GLU B 275 27.91 4.12 -16.10
N GLU B 276 28.78 4.73 -16.89
CA GLU B 276 30.10 4.17 -17.20
C GLU B 276 31.18 5.16 -16.79
N PHE B 277 32.29 4.62 -16.31
CA PHE B 277 33.41 5.43 -15.83
C PHE B 277 34.73 4.78 -16.24
N SER B 278 35.79 5.60 -16.27
CA SER B 278 37.13 5.05 -16.43
C SER B 278 37.55 4.39 -15.12
N TYR B 279 38.12 3.20 -15.24
CA TYR B 279 38.60 2.47 -14.08
C TYR B 279 40.12 2.46 -14.07
N PRO B 280 40.77 2.74 -12.94
CA PRO B 280 40.12 2.99 -11.63
C PRO B 280 39.45 4.34 -11.53
N ALA B 281 38.23 4.36 -11.01
CA ALA B 281 37.50 5.59 -10.75
C ALA B 281 37.65 5.95 -9.27
N THR B 282 37.86 7.22 -9.01
CA THR B 282 37.87 7.68 -7.63
C THR B 282 36.48 7.60 -7.04
N LEU B 283 36.42 7.39 -5.72
CA LEU B 283 35.14 7.45 -5.01
C LEU B 283 34.41 8.74 -5.33
N GLN B 284 35.15 9.85 -5.49
CA GLN B 284 34.50 11.12 -5.80
C GLN B 284 33.85 11.09 -7.19
N THR B 285 34.51 10.46 -8.16
CA THR B 285 33.89 10.37 -9.49
C THR B 285 32.55 9.63 -9.40
N LEU B 286 32.54 8.49 -8.69
CA LEU B 286 31.30 7.74 -8.53
C LEU B 286 30.24 8.56 -7.79
N LEU B 287 30.64 9.26 -6.72
CA LEU B 287 29.67 10.08 -5.99
C LEU B 287 29.13 11.22 -6.83
N ASP B 288 29.97 11.80 -7.71
CA ASP B 288 29.54 12.90 -8.56
C ASP B 288 28.41 12.49 -9.50
N SER B 289 28.40 11.23 -9.91
CA SER B 289 27.36 10.74 -10.81
C SER B 289 25.97 10.80 -10.21
N ASN B 290 25.85 10.89 -8.88
CA ASN B 290 24.57 10.94 -8.21
C ASN B 290 24.28 12.31 -7.61
N SER B 291 25.01 13.34 -8.02
CA SER B 291 24.83 14.67 -7.47
C SER B 291 23.50 15.26 -7.95
N GLU B 292 23.04 16.30 -7.24
CA GLU B 292 21.82 16.99 -7.64
C GLU B 292 21.95 17.52 -9.07
N GLN B 293 23.14 17.99 -9.45
CA GLN B 293 23.30 18.63 -10.74
C GLN B 293 23.09 17.62 -11.87
N ILE B 294 23.66 16.43 -11.70
CA ILE B 294 23.60 15.38 -12.73
C ILE B 294 22.21 14.76 -12.80
N VAL B 295 21.58 14.54 -11.64
CA VAL B 295 20.36 13.76 -11.59
C VAL B 295 19.15 14.62 -11.94
N MET B 296 19.15 15.90 -11.54
CA MET B 296 17.94 16.72 -11.58
C MET B 296 17.98 17.85 -12.60
N LYS B 297 19.16 18.24 -13.06
CA LYS B 297 19.27 19.39 -13.95
C LYS B 297 19.74 18.95 -15.34
N PRO B 298 19.43 19.73 -16.37
CA PRO B 298 20.00 19.45 -17.70
C PRO B 298 21.48 19.75 -17.70
N ASN B 299 22.21 18.92 -18.42
CA ASN B 299 23.66 19.09 -18.57
C ASN B 299 24.05 18.84 -20.01
N LYS B 300 24.84 19.75 -20.57
CA LYS B 300 25.28 19.60 -21.95
C LYS B 300 26.21 18.38 -22.08
N VAL B 301 25.95 17.56 -23.08
CA VAL B 301 26.74 16.36 -23.29
C VAL B 301 27.90 16.68 -24.23
N THR B 302 28.94 15.88 -24.13
CA THR B 302 30.11 15.98 -25.01
C THR B 302 30.27 14.67 -25.74
N ALA B 303 30.40 14.73 -27.05
CA ALA B 303 30.63 13.53 -27.85
C ALA B 303 31.92 12.85 -27.40
N ILE B 304 31.95 11.53 -27.53
CA ILE B 304 33.08 10.76 -27.04
C ILE B 304 34.23 10.82 -28.02
N GLU B 307 36.21 6.29 -26.06
CA GLU B 307 35.69 5.48 -24.95
C GLU B 307 36.86 4.99 -24.09
N PRO B 308 36.75 5.07 -22.76
CA PRO B 308 37.87 4.66 -21.91
C PRO B 308 38.32 3.24 -22.19
N SER B 309 39.62 3.00 -21.97
CA SER B 309 40.20 1.69 -22.27
C SER B 309 39.80 0.68 -21.20
N VAL B 310 39.93 1.06 -19.94
CA VAL B 310 39.52 0.25 -18.80
C VAL B 310 38.35 0.98 -18.15
N LYS B 311 37.29 0.25 -17.84
CA LYS B 311 36.08 0.92 -17.37
C LYS B 311 35.34 0.07 -16.35
N MET B 312 34.45 0.74 -15.63
CA MET B 312 33.49 0.11 -14.72
C MET B 312 32.13 0.77 -14.94
N TYR B 313 31.12 0.17 -14.32
CA TYR B 313 29.74 0.56 -14.52
C TYR B 313 29.00 0.46 -13.20
N HIS B 314 28.04 1.37 -12.99
CA HIS B 314 27.15 1.21 -11.87
C HIS B 314 25.80 1.84 -12.15
N LYS B 315 24.85 1.59 -11.24
CA LYS B 315 23.51 2.16 -11.31
C LYS B 315 22.92 2.11 -9.92
N THR B 316 22.41 3.25 -9.44
CA THR B 316 21.60 3.31 -8.24
C THR B 316 20.12 3.28 -8.64
N GLY B 317 19.29 2.86 -7.70
CA GLY B 317 17.86 2.90 -7.93
C GLY B 317 17.13 2.88 -6.62
N SER B 318 15.96 3.50 -6.61
CA SER B 318 15.15 3.59 -5.41
C SER B 318 13.68 3.62 -5.81
N THR B 319 12.84 3.07 -4.94
CA THR B 319 11.42 3.31 -4.90
C THR B 319 11.11 3.92 -3.53
N ASN B 320 9.83 4.19 -3.29
CA ASN B 320 9.44 4.81 -2.02
C ASN B 320 10.01 4.05 -0.84
N GLY B 321 10.04 2.72 -0.93
CA GLY B 321 10.45 1.91 0.19
C GLY B 321 11.65 1.01 -0.01
N PHE B 322 12.38 1.17 -1.10
CA PHE B 322 13.51 0.28 -1.42
C PHE B 322 14.70 1.09 -1.91
N GLY B 323 15.88 0.52 -1.71
CA GLY B 323 17.10 1.04 -2.30
C GLY B 323 17.85 -0.09 -2.97
N THR B 324 18.52 0.27 -4.06
CA THR B 324 19.25 -0.69 -4.88
C THR B 324 20.54 -0.04 -5.34
N TYR B 325 21.57 -0.85 -5.46
CA TYR B 325 22.83 -0.41 -6.06
C TYR B 325 23.51 -1.61 -6.69
N VAL B 326 23.98 -1.45 -7.93
CA VAL B 326 24.71 -2.50 -8.64
C VAL B 326 25.94 -1.86 -9.27
N VAL B 327 27.05 -2.59 -9.24
CA VAL B 327 28.33 -2.09 -9.77
C VAL B 327 29.13 -3.29 -10.23
N PHE B 328 29.84 -3.13 -11.36
CA PHE B 328 30.76 -4.20 -11.77
C PHE B 328 31.96 -3.61 -12.50
N ILE B 329 33.03 -4.40 -12.50
CA ILE B 329 34.33 -3.98 -13.04
C ILE B 329 34.87 -5.10 -13.91
N PRO B 330 34.78 -4.99 -15.24
CA PRO B 330 35.19 -6.15 -16.07
C PRO B 330 36.64 -6.57 -15.88
N LYS B 331 37.55 -5.61 -15.69
CA LYS B 331 38.97 -5.97 -15.58
C LYS B 331 39.20 -6.94 -14.43
N GLU B 332 38.51 -6.72 -13.31
CA GLU B 332 38.72 -7.50 -12.10
C GLU B 332 37.71 -8.65 -11.96
N ASN B 333 36.81 -8.82 -12.90
CA ASN B 333 35.82 -9.90 -12.88
C ASN B 333 35.06 -9.92 -11.54
N ILE B 334 34.70 -8.72 -11.06
CA ILE B 334 34.07 -8.57 -9.76
C ILE B 334 32.91 -7.59 -9.87
N GLY B 335 31.86 -7.85 -9.08
CA GLY B 335 30.74 -6.93 -9.01
C GLY B 335 29.99 -7.14 -7.72
N LEU B 336 29.05 -6.22 -7.46
CA LEU B 336 28.35 -6.20 -6.18
C LEU B 336 26.92 -5.72 -6.37
N VAL B 337 26.01 -6.30 -5.60
CA VAL B 337 24.60 -5.93 -5.58
C VAL B 337 24.20 -5.66 -4.14
N MET B 338 23.53 -4.53 -3.92
CA MET B 338 22.93 -4.19 -2.62
C MET B 338 21.44 -3.98 -2.84
N LEU B 339 20.62 -4.66 -2.05
CA LEU B 339 19.18 -4.49 -2.03
C LEU B 339 18.72 -4.22 -0.61
N THR B 340 17.88 -3.20 -0.43
CA THR B 340 17.31 -2.87 0.87
C THR B 340 15.83 -2.60 0.73
N ASN B 341 15.06 -2.93 1.76
CA ASN B 341 13.65 -2.56 1.82
C ASN B 341 13.44 -1.34 2.70
N LYS B 342 14.43 -0.44 2.69
CA LYS B 342 14.27 0.95 3.08
C LYS B 342 15.30 1.75 2.29
N ARG B 343 14.88 2.91 1.79
CA ARG B 343 15.81 3.78 1.09
C ARG B 343 16.88 4.26 2.07
N ILE B 344 18.12 4.20 1.65
CA ILE B 344 19.23 4.85 2.34
C ILE B 344 19.93 5.76 1.35
N PRO B 345 20.67 6.76 1.82
CA PRO B 345 21.34 7.68 0.90
C PRO B 345 22.21 6.98 -0.13
N ASN B 346 22.08 7.42 -1.38
CA ASN B 346 22.89 6.84 -2.45
C ASN B 346 24.37 6.88 -2.12
N GLU B 347 24.82 7.97 -1.48
CA GLU B 347 26.24 8.10 -1.15
C GLU B 347 26.71 6.93 -0.31
N GLU B 348 25.89 6.51 0.65
CA GLU B 348 26.29 5.40 1.53
C GLU B 348 26.39 4.10 0.75
N ARG B 349 25.46 3.88 -0.18
CA ARG B 349 25.53 2.68 -1.01
C ARG B 349 26.84 2.66 -1.78
N ILE B 350 27.19 3.79 -2.40
CA ILE B 350 28.35 3.86 -3.26
C ILE B 350 29.63 3.72 -2.44
N LYS B 351 29.69 4.38 -1.28
CA LYS B 351 30.86 4.31 -0.41
C LYS B 351 31.08 2.87 0.08
N ALA B 352 30.01 2.22 0.56
CA ALA B 352 30.15 0.87 1.11
C ALA B 352 30.64 -0.10 0.06
N ALA B 353 30.03 -0.08 -1.14
CA ALA B 353 30.47 -0.96 -2.21
C ALA B 353 31.90 -0.65 -2.60
N TYR B 354 32.26 0.64 -2.57
CA TYR B 354 33.63 1.04 -2.91
C TYR B 354 34.63 0.42 -1.94
N ALA B 355 34.38 0.52 -0.64
CA ALA B 355 35.30 -0.03 0.34
C ALA B 355 35.44 -1.54 0.18
N VAL B 356 34.33 -2.24 0.01
CA VAL B 356 34.39 -3.69 -0.14
C VAL B 356 35.18 -4.06 -1.39
N LEU B 357 34.79 -3.51 -2.54
CA LEU B 357 35.38 -3.95 -3.80
C LEU B 357 36.88 -3.67 -3.85
N ASN B 358 37.32 -2.55 -3.28
CA ASN B 358 38.74 -2.20 -3.34
C ASN B 358 39.58 -3.00 -2.35
N ALA B 359 38.98 -3.50 -1.28
CA ALA B 359 39.72 -4.29 -0.29
C ALA B 359 39.74 -5.78 -0.60
N ILE B 360 39.08 -6.22 -1.68
CA ILE B 360 39.08 -7.63 -2.05
C ILE B 360 40.34 -7.92 -2.85
#